data_9MYR
#
_entry.id   9MYR
#
_cell.length_a   85.460
_cell.length_b   104.420
_cell.length_c   112.850
_cell.angle_alpha   90.000
_cell.angle_beta   90.000
_cell.angle_gamma   90.000
#
_symmetry.space_group_name_H-M   'P 21 21 21'
#
loop_
_entity.id
_entity.type
_entity.pdbx_description
1 polymer 'Nonspecific lipid-transfer protein'
2 polymer 'Acyl dehydratase'
3 non-polymer 'ZINC ION'
4 water water
#
loop_
_entity_poly.entity_id
_entity_poly.type
_entity_poly.pdbx_seq_one_letter_code
_entity_poly.pdbx_strand_id
1 'polypeptide(L)'
;MHHHHHHSSGVDLGTENLYFQSNAMGLQGKAALVGVAQYKPQKYATAPRMFHLEQVADLTLQALEDAGMELSEVDGLITS
APHFHEASCFVPAMAGEYLGVRLNFAEVVDLGGASSVAMVWRAAAAIELGLCNTVVCVLPSRMAPISEHDDHIKEVMKAS
RFGGHSTRFGAPEAEMDLPYGHMAQNTGYAMIAQRYGAVHGYDAAALARICVDQRFNACHNPDAMFYGQPITVDDVLNSR
MVADPLHVLEIVLPAAGGGAMIVTRADRARTTRHRPVSIVGCGEHVSSKSPTYMADMLQTPIGPASAKAFEMAGMRPSDM
HMAQIYDCYTITVMLTLEDAGFCEKGKGMDFLRNNDFTFKGNFPMNTHGGQLSFGQSGTAGGMSQVIEAVHQIQGRAGDR
QLGRNDLAYVSGTGGVMSEQGALILRGA
;
A,C
2 'polypeptide(L)'
;MAWNKPLPHPTEISAPYWEGLKAHEVRIQQCDRGHSLFFPRTHCPTCGSRSLKWSKVSGEGTLYSFTVARIPTMPEFTDE
MPQALAVIELREGVRINTTMVGVAPEALKVGMEVRPVFDERPGEVTLLRFTAHAGSHPSVIKAD
;
B,D
#
loop_
_chem_comp.id
_chem_comp.type
_chem_comp.name
_chem_comp.formula
ZN non-polymer 'ZINC ION' 'Zn 2'
#
# COMPACT_ATOMS: atom_id res chain seq x y z
N MET A 25 -0.77 -25.72 -8.62
CA MET A 25 -1.65 -24.71 -9.26
C MET A 25 -1.01 -23.33 -9.26
N GLY A 26 0.32 -23.30 -9.19
CA GLY A 26 1.05 -22.05 -9.14
C GLY A 26 1.11 -21.36 -10.48
N LEU A 27 2.11 -20.49 -10.62
CA LEU A 27 2.34 -19.82 -11.89
C LEU A 27 2.67 -20.86 -12.96
N GLN A 28 2.09 -20.67 -14.15
CA GLN A 28 2.40 -21.52 -15.30
C GLN A 28 3.54 -20.96 -16.14
N GLY A 29 4.09 -19.81 -15.77
CA GLY A 29 5.26 -19.28 -16.45
C GLY A 29 4.95 -18.54 -17.74
N LYS A 30 3.76 -17.98 -17.87
CA LYS A 30 3.34 -17.32 -19.09
C LYS A 30 3.53 -15.80 -19.05
N ALA A 31 4.20 -15.29 -18.01
CA ALA A 31 4.64 -13.90 -17.96
C ALA A 31 6.17 -13.88 -17.93
N ALA A 32 6.74 -12.80 -18.44
CA ALA A 32 8.19 -12.73 -18.57
C ALA A 32 8.67 -11.30 -18.38
N LEU A 33 9.81 -11.16 -17.71
CA LEU A 33 10.50 -9.87 -17.65
C LEU A 33 11.16 -9.60 -18.99
N VAL A 34 10.85 -8.44 -19.58
CA VAL A 34 11.36 -8.10 -20.90
C VAL A 34 12.17 -6.82 -20.91
N GLY A 35 11.98 -5.92 -19.96
CA GLY A 35 12.74 -4.67 -19.92
C GLY A 35 13.00 -4.17 -18.52
N VAL A 36 14.21 -3.65 -18.29
CA VAL A 36 14.61 -3.15 -16.97
C VAL A 36 15.24 -1.78 -17.12
N ALA A 37 15.20 -1.02 -16.03
CA ALA A 37 15.83 0.30 -15.98
C ALA A 37 16.25 0.56 -14.54
N GLN A 38 17.41 1.17 -14.36
CA GLN A 38 18.01 1.30 -13.03
C GLN A 38 18.85 2.56 -12.97
N TYR A 39 18.52 3.47 -12.05
CA TYR A 39 19.43 4.56 -11.75
C TYR A 39 20.69 4.01 -11.11
N LYS A 40 21.84 4.56 -11.49
CA LYS A 40 23.09 4.14 -10.87
C LYS A 40 23.13 4.62 -9.43
N PRO A 41 23.40 3.74 -8.46
CA PRO A 41 23.37 4.17 -7.05
C PRO A 41 24.39 5.26 -6.79
N GLN A 42 23.94 6.32 -6.10
CA GLN A 42 24.78 7.46 -5.77
C GLN A 42 24.55 7.86 -4.32
N LYS A 43 25.61 8.36 -3.68
CA LYS A 43 25.44 9.01 -2.40
C LYS A 43 24.41 10.13 -2.52
N TYR A 44 23.75 10.45 -1.41
CA TYR A 44 22.67 11.42 -1.43
C TYR A 44 23.16 12.83 -1.78
N ALA A 45 24.47 13.08 -1.68
CA ALA A 45 24.99 14.41 -2.00
C ALA A 45 25.09 14.61 -3.50
N THR A 46 25.71 13.67 -4.21
CA THR A 46 25.74 13.75 -5.66
C THR A 46 24.37 13.47 -6.28
N ALA A 47 23.51 12.78 -5.54
CA ALA A 47 22.28 12.26 -6.11
C ALA A 47 21.36 13.39 -6.55
N PRO A 48 20.95 13.44 -7.81
CA PRO A 48 19.95 14.44 -8.21
C PRO A 48 18.62 14.17 -7.53
N ARG A 49 17.85 15.23 -7.35
CA ARG A 49 16.52 15.13 -6.76
C ARG A 49 15.47 15.22 -7.86
N MET A 50 14.56 14.26 -7.89
CA MET A 50 13.44 14.28 -8.83
C MET A 50 12.18 13.86 -8.11
N PHE A 51 11.05 14.37 -8.58
CA PHE A 51 9.76 13.99 -8.00
C PHE A 51 9.52 12.50 -8.23
N HIS A 52 8.80 11.88 -7.30
CA HIS A 52 8.55 10.44 -7.40
C HIS A 52 7.66 10.14 -8.60
N LEU A 53 6.70 11.02 -8.90
CA LEU A 53 5.97 10.89 -10.16
C LEU A 53 6.91 11.03 -11.35
N GLU A 54 7.85 11.98 -11.27
CA GLU A 54 8.83 12.15 -12.32
C GLU A 54 9.64 10.87 -12.53
N GLN A 55 10.10 10.27 -11.42
CA GLN A 55 10.89 9.04 -11.54
C GLN A 55 10.05 7.90 -12.11
N VAL A 56 8.78 7.82 -11.71
CA VAL A 56 7.90 6.79 -12.27
C VAL A 56 7.87 6.89 -13.79
N ALA A 57 7.67 8.09 -14.31
CA ALA A 57 7.62 8.27 -15.76
C ALA A 57 8.97 7.96 -16.40
N ASP A 58 10.04 8.55 -15.87
CA ASP A 58 11.36 8.37 -16.46
C ASP A 58 11.76 6.90 -16.47
N LEU A 59 11.64 6.23 -15.32
CA LEU A 59 12.09 4.85 -15.23
C LEU A 59 11.18 3.92 -16.03
N THR A 60 9.86 4.16 -16.00
CA THR A 60 8.95 3.34 -16.79
C THR A 60 9.30 3.42 -18.27
N LEU A 61 9.56 4.62 -18.77
CA LEU A 61 9.85 4.78 -20.19
C LEU A 61 11.21 4.21 -20.54
N GLN A 62 12.20 4.33 -19.65
CA GLN A 62 13.49 3.71 -19.90
C GLN A 62 13.36 2.20 -20.01
N ALA A 63 12.60 1.58 -19.11
CA ALA A 63 12.43 0.13 -19.15
C ALA A 63 11.65 -0.30 -20.38
N LEU A 64 10.61 0.47 -20.76
CA LEU A 64 9.89 0.18 -21.99
C LEU A 64 10.81 0.27 -23.20
N GLU A 65 11.64 1.30 -23.25
CA GLU A 65 12.59 1.43 -24.36
C GLU A 65 13.59 0.28 -24.35
N ASP A 66 13.98 -0.18 -23.16
CA ASP A 66 14.89 -1.32 -23.07
C ASP A 66 14.25 -2.57 -23.66
N ALA A 67 12.94 -2.74 -23.49
CA ALA A 67 12.21 -3.88 -24.03
C ALA A 67 11.72 -3.66 -25.45
N GLY A 68 11.72 -2.41 -25.94
CA GLY A 68 11.22 -2.14 -27.27
C GLY A 68 9.71 -2.02 -27.36
N MET A 69 9.06 -1.66 -26.25
CA MET A 69 7.61 -1.53 -26.20
C MET A 69 7.23 -0.06 -26.10
N GLU A 70 5.93 0.20 -26.16
CA GLU A 70 5.39 1.55 -26.14
C GLU A 70 4.58 1.78 -24.87
N LEU A 71 4.44 3.06 -24.50
CA LEU A 71 3.66 3.42 -23.32
C LEU A 71 2.22 2.98 -23.45
N SER A 72 1.69 2.92 -24.68
CA SER A 72 0.30 2.55 -24.89
C SER A 72 0.00 1.10 -24.51
N GLU A 73 1.04 0.27 -24.36
CA GLU A 73 0.81 -1.13 -24.03
C GLU A 73 0.63 -1.38 -22.54
N VAL A 74 1.03 -0.43 -21.69
CA VAL A 74 0.97 -0.63 -20.25
C VAL A 74 -0.48 -0.57 -19.80
N ASP A 75 -0.96 -1.67 -19.19
CA ASP A 75 -2.27 -1.70 -18.56
C ASP A 75 -2.20 -2.29 -17.15
N GLY A 76 -1.02 -2.25 -16.53
CA GLY A 76 -0.88 -2.64 -15.14
C GLY A 76 0.28 -1.87 -14.51
N LEU A 77 0.11 -1.44 -13.26
CA LEU A 77 1.14 -0.65 -12.59
C LEU A 77 1.27 -1.08 -11.15
N ILE A 78 2.51 -1.31 -10.71
CA ILE A 78 2.83 -1.65 -9.34
C ILE A 78 3.94 -0.73 -8.86
N THR A 79 3.79 -0.18 -7.66
CA THR A 79 4.83 0.66 -7.07
C THR A 79 4.77 0.51 -5.55
N SER A 80 5.56 1.32 -4.86
CA SER A 80 5.62 1.27 -3.39
C SER A 80 4.52 2.15 -2.80
N ALA A 81 3.91 1.65 -1.72
CA ALA A 81 2.79 2.34 -1.10
C ALA A 81 3.25 3.50 -0.21
N PRO A 82 4.15 3.28 0.74
CA PRO A 82 4.45 4.33 1.71
C PRO A 82 5.45 5.34 1.20
N HIS A 83 5.34 6.55 1.74
CA HIS A 83 6.31 7.62 1.52
C HIS A 83 6.49 7.95 0.03
N PHE A 84 5.43 7.80 -0.74
CA PHE A 84 5.40 8.39 -2.08
C PHE A 84 5.34 9.91 -1.91
N HIS A 85 6.36 10.62 -2.40
CA HIS A 85 6.57 12.00 -1.98
C HIS A 85 5.35 12.88 -2.27
N GLU A 86 4.68 12.65 -3.39
CA GLU A 86 3.61 13.55 -3.82
C GLU A 86 2.23 13.11 -3.38
N ALA A 87 2.10 11.98 -2.68
CA ALA A 87 0.78 11.46 -2.34
C ALA A 87 0.88 10.53 -1.15
N SER A 88 0.15 10.86 -0.07
CA SER A 88 0.03 9.96 1.06
C SER A 88 -1.02 8.88 0.81
N CYS A 89 -1.83 9.02 -0.24
CA CYS A 89 -2.85 8.03 -0.56
C CYS A 89 -3.24 8.21 -2.02
N PHE A 90 -4.00 7.24 -2.54
CA PHE A 90 -4.36 7.20 -3.97
C PHE A 90 -3.09 7.23 -4.82
N VAL A 91 -2.06 6.52 -4.36
CA VAL A 91 -0.80 6.49 -5.11
C VAL A 91 -0.98 5.87 -6.49
N PRO A 92 -1.65 4.72 -6.65
CA PRO A 92 -1.83 4.18 -8.01
C PRO A 92 -2.55 5.13 -8.94
N ALA A 93 -3.59 5.81 -8.44
CA ALA A 93 -4.37 6.71 -9.29
C ALA A 93 -3.56 7.93 -9.72
N MET A 94 -2.85 8.54 -8.77
CA MET A 94 -2.08 9.73 -9.13
C MET A 94 -0.94 9.36 -10.08
N ALA A 95 -0.23 8.27 -9.80
CA ALA A 95 0.85 7.84 -10.67
C ALA A 95 0.33 7.43 -12.04
N GLY A 96 -0.76 6.65 -12.07
CA GLY A 96 -1.32 6.23 -13.35
C GLY A 96 -1.82 7.40 -14.17
N GLU A 97 -2.42 8.39 -13.51
CA GLU A 97 -2.84 9.60 -14.22
C GLU A 97 -1.63 10.37 -14.74
N TYR A 98 -0.63 10.55 -13.89
CA TYR A 98 0.57 11.29 -14.31
C TYR A 98 1.28 10.57 -15.45
N LEU A 99 1.38 9.24 -15.37
CA LEU A 99 2.04 8.49 -16.43
C LEU A 99 1.24 8.53 -17.72
N GLY A 100 -0.09 8.49 -17.61
CA GLY A 100 -0.96 8.51 -18.76
C GLY A 100 -1.43 7.15 -19.23
N VAL A 101 -1.56 6.17 -18.33
CA VAL A 101 -1.94 4.82 -18.69
C VAL A 101 -3.34 4.52 -18.13
N ARG A 102 -4.00 3.56 -18.76
CA ARG A 102 -5.31 3.08 -18.35
C ARG A 102 -5.14 1.68 -17.80
N LEU A 103 -5.33 1.53 -16.48
CA LEU A 103 -4.91 0.36 -15.74
C LEU A 103 -6.08 -0.59 -15.51
N ASN A 104 -5.84 -1.87 -15.75
CA ASN A 104 -6.72 -2.94 -15.29
C ASN A 104 -6.20 -3.58 -14.01
N PHE A 105 -5.12 -3.02 -13.45
CA PHE A 105 -4.52 -3.54 -12.23
C PHE A 105 -3.69 -2.41 -11.64
N ALA A 106 -4.15 -1.86 -10.51
CA ALA A 106 -3.51 -0.72 -9.86
C ALA A 106 -3.07 -1.17 -8.48
N GLU A 107 -1.76 -1.37 -8.30
CA GLU A 107 -1.23 -2.13 -7.18
C GLU A 107 -0.13 -1.36 -6.47
N VAL A 108 -0.10 -1.48 -5.15
CA VAL A 108 1.01 -1.00 -4.33
C VAL A 108 1.44 -2.14 -3.42
N VAL A 109 2.72 -2.11 -3.03
CA VAL A 109 3.26 -3.07 -2.08
C VAL A 109 3.87 -2.31 -0.91
N ASP A 110 3.93 -2.97 0.25
CA ASP A 110 4.47 -2.37 1.46
C ASP A 110 5.29 -3.44 2.19
N LEU A 111 6.39 -3.87 1.56
CA LEU A 111 7.19 -4.98 2.06
C LEU A 111 8.67 -4.62 2.16
N GLY A 112 8.99 -3.33 2.23
CA GLY A 112 10.37 -2.93 2.41
C GLY A 112 11.25 -3.44 1.29
N GLY A 113 12.40 -4.01 1.66
CA GLY A 113 13.36 -4.49 0.68
C GLY A 113 12.87 -5.67 -0.13
N ALA A 114 11.85 -6.38 0.35
CA ALA A 114 11.25 -7.48 -0.39
C ALA A 114 10.24 -7.00 -1.43
N SER A 115 10.12 -5.67 -1.62
CA SER A 115 9.08 -5.15 -2.49
C SER A 115 9.32 -5.52 -3.95
N SER A 116 10.57 -5.53 -4.39
CA SER A 116 10.85 -5.75 -5.81
C SER A 116 10.37 -7.12 -6.27
N VAL A 117 10.82 -8.18 -5.57
CA VAL A 117 10.39 -9.52 -5.95
C VAL A 117 8.89 -9.67 -5.74
N ALA A 118 8.34 -9.00 -4.73
CA ALA A 118 6.90 -9.05 -4.50
C ALA A 118 6.12 -8.49 -5.68
N MET A 119 6.66 -7.46 -6.35
CA MET A 119 5.96 -6.89 -7.50
C MET A 119 6.02 -7.82 -8.70
N VAL A 120 7.14 -8.52 -8.89
CA VAL A 120 7.33 -9.32 -10.09
C VAL A 120 6.28 -10.43 -10.15
N TRP A 121 6.06 -11.13 -9.03
CA TRP A 121 5.12 -12.25 -9.08
C TRP A 121 3.68 -11.77 -9.12
N ARG A 122 3.38 -10.62 -8.48
CA ARG A 122 2.05 -10.05 -8.61
C ARG A 122 1.77 -9.65 -10.06
N ALA A 123 2.76 -9.08 -10.74
CA ALA A 123 2.58 -8.73 -12.15
C ALA A 123 2.33 -9.97 -12.99
N ALA A 124 3.09 -11.04 -12.73
CA ALA A 124 2.87 -12.29 -13.46
C ALA A 124 1.50 -12.88 -13.12
N ALA A 125 1.07 -12.77 -11.85
CA ALA A 125 -0.22 -13.31 -11.47
C ALA A 125 -1.36 -12.60 -12.20
N ALA A 126 -1.22 -11.28 -12.40
CA ALA A 126 -2.27 -10.54 -13.09
C ALA A 126 -2.27 -10.84 -14.58
N ILE A 127 -1.09 -11.03 -15.17
CA ILE A 127 -1.01 -11.34 -16.60
C ILE A 127 -1.54 -12.75 -16.86
N GLU A 128 -1.14 -13.73 -16.02
CA GLU A 128 -1.62 -15.08 -16.23
C GLU A 128 -3.11 -15.19 -15.96
N LEU A 129 -3.65 -14.34 -15.09
CA LEU A 129 -5.08 -14.34 -14.81
C LEU A 129 -5.89 -13.66 -15.90
N GLY A 130 -5.24 -12.89 -16.77
CA GLY A 130 -5.89 -12.30 -17.92
C GLY A 130 -6.24 -10.83 -17.78
N LEU A 131 -5.87 -10.19 -16.68
CA LEU A 131 -6.26 -8.80 -16.46
C LEU A 131 -5.38 -7.82 -17.23
N CYS A 132 -4.10 -8.14 -17.41
CA CYS A 132 -3.16 -7.25 -18.05
C CYS A 132 -2.39 -7.98 -19.13
N ASN A 133 -1.94 -7.21 -20.13
CA ASN A 133 -0.95 -7.67 -21.09
C ASN A 133 0.47 -7.27 -20.69
N THR A 134 0.62 -6.13 -20.01
CA THR A 134 1.93 -5.58 -19.72
C THR A 134 1.84 -4.77 -18.44
N VAL A 135 2.67 -5.12 -17.45
CA VAL A 135 2.67 -4.48 -16.14
C VAL A 135 4.03 -3.85 -15.90
N VAL A 136 4.02 -2.63 -15.38
CA VAL A 136 5.26 -1.92 -15.03
C VAL A 136 5.43 -1.99 -13.51
N CYS A 137 6.61 -2.42 -13.08
CA CYS A 137 7.00 -2.47 -11.67
C CYS A 137 8.08 -1.40 -11.47
N VAL A 138 7.77 -0.36 -10.68
CA VAL A 138 8.64 0.80 -10.58
C VAL A 138 8.78 1.24 -9.13
N LEU A 139 10.02 1.56 -8.74
CA LEU A 139 10.32 2.05 -7.39
C LEU A 139 11.18 3.30 -7.47
N PRO A 140 10.60 4.48 -7.27
CA PRO A 140 11.43 5.68 -7.09
C PRO A 140 12.21 5.60 -5.80
N SER A 141 13.47 6.01 -5.85
CA SER A 141 14.30 6.03 -4.66
C SER A 141 15.16 7.28 -4.52
N ARG A 142 15.09 8.21 -5.46
CA ARG A 142 15.71 9.52 -5.28
C ARG A 142 14.76 10.44 -4.53
N MET A 143 15.32 11.31 -3.70
CA MET A 143 14.51 12.28 -2.98
C MET A 143 13.99 13.34 -3.95
N ALA A 144 12.90 13.98 -3.56
CA ALA A 144 12.29 14.99 -4.41
C ALA A 144 12.84 16.37 -4.09
N PRO A 145 12.79 17.30 -5.03
CA PRO A 145 13.23 18.67 -4.75
C PRO A 145 12.49 19.24 -3.55
N ILE A 146 13.20 20.05 -2.77
CA ILE A 146 12.63 20.63 -1.56
C ILE A 146 11.97 21.96 -1.89
N SER A 147 11.04 22.37 -1.04
CA SER A 147 10.30 23.61 -1.22
C SER A 147 10.15 24.31 0.11
N GLU A 148 10.04 25.65 0.05
CA GLU A 148 9.77 26.43 1.25
C GLU A 148 8.45 26.03 1.90
N HIS A 149 7.51 25.51 1.10
CA HIS A 149 6.16 25.26 1.57
C HIS A 149 5.94 23.82 2.05
N ASP A 150 7.01 23.03 2.15
CA ASP A 150 6.89 21.65 2.62
C ASP A 150 6.39 21.59 4.06
N SER A 160 13.46 11.85 11.73
CA SER A 160 13.56 10.48 11.23
C SER A 160 14.69 9.75 11.93
N ARG A 161 14.83 9.99 13.23
CA ARG A 161 15.95 9.49 14.01
C ARG A 161 15.73 8.09 14.55
N PHE A 162 14.66 7.42 14.13
CA PHE A 162 14.36 6.07 14.61
C PHE A 162 14.52 5.00 13.53
N GLY A 163 14.99 5.37 12.34
CA GLY A 163 15.34 4.39 11.33
C GLY A 163 14.17 3.57 10.82
N GLY A 164 12.97 4.13 10.76
CA GLY A 164 11.81 3.44 10.27
C GLY A 164 10.89 2.90 11.35
N HIS A 165 11.36 2.86 12.60
CA HIS A 165 10.49 2.45 13.69
C HIS A 165 9.37 3.46 13.88
N SER A 166 8.17 2.95 14.17
CA SER A 166 7.02 3.81 14.42
C SER A 166 7.06 4.37 15.83
N THR A 167 6.66 5.64 15.97
CA THR A 167 6.49 6.27 17.27
C THR A 167 5.03 6.51 17.61
N ARG A 168 4.11 6.04 16.76
CA ARG A 168 2.70 6.36 16.93
C ARG A 168 2.13 5.70 18.18
N PHE A 169 1.15 6.37 18.77
CA PHE A 169 0.44 5.83 19.92
C PHE A 169 -0.25 4.53 19.53
N GLY A 170 0.07 3.45 20.24
CA GLY A 170 -0.47 2.14 19.95
C GLY A 170 0.44 1.23 19.15
N ALA A 171 1.49 1.77 18.55
CA ALA A 171 2.48 0.94 17.88
C ALA A 171 3.29 0.19 18.92
N PRO A 172 3.24 -1.15 18.95
CA PRO A 172 3.95 -1.87 20.03
C PRO A 172 5.43 -1.53 20.11
N GLU A 173 6.11 -1.41 18.97
CA GLU A 173 7.54 -1.09 19.01
C GLU A 173 7.81 0.29 19.58
N ALA A 174 6.83 1.19 19.55
CA ALA A 174 7.05 2.53 20.10
C ALA A 174 7.30 2.47 21.60
N GLU A 175 6.68 1.52 22.31
CA GLU A 175 6.87 1.40 23.75
C GLU A 175 7.77 0.23 24.16
N MET A 176 7.87 -0.82 23.33
CA MET A 176 8.68 -1.98 23.68
C MET A 176 10.08 -1.94 23.11
N ASP A 177 10.32 -1.14 22.06
CA ASP A 177 11.63 -1.07 21.42
C ASP A 177 12.35 0.24 21.73
N LEU A 178 11.73 1.38 21.43
CA LEU A 178 12.44 2.65 21.44
C LEU A 178 13.02 3.00 22.81
N PRO A 179 12.28 2.93 23.92
CA PRO A 179 12.87 3.34 25.20
C PRO A 179 14.06 2.51 25.65
N TYR A 180 14.30 1.34 25.05
CA TYR A 180 15.44 0.52 25.37
C TYR A 180 16.53 0.61 24.31
N GLY A 181 16.37 1.48 23.31
CA GLY A 181 17.36 1.65 22.27
C GLY A 181 17.24 0.72 21.09
N HIS A 182 16.28 -0.21 21.10
CA HIS A 182 16.08 -1.11 19.98
C HIS A 182 15.36 -0.36 18.87
N MET A 183 15.94 -0.37 17.67
CA MET A 183 15.41 0.43 16.57
C MET A 183 16.23 0.13 15.32
N ALA A 184 15.73 0.60 14.18
CA ALA A 184 16.43 0.53 12.90
C ALA A 184 16.74 -0.95 12.60
N GLN A 185 17.90 -1.27 12.03
CA GLN A 185 18.16 -2.61 11.54
C GLN A 185 19.49 -3.18 12.04
N ASN A 186 20.48 -2.31 12.25
CA ASN A 186 21.83 -2.79 12.56
C ASN A 186 21.84 -3.73 13.75
N THR A 187 21.31 -3.27 14.89
CA THR A 187 21.39 -4.08 16.10
C THR A 187 20.51 -5.33 16.00
N GLY A 188 19.37 -5.24 15.31
CA GLY A 188 18.54 -6.41 15.14
C GLY A 188 19.26 -7.53 14.40
N TYR A 189 19.96 -7.19 13.32
CA TYR A 189 20.73 -8.19 12.59
C TYR A 189 21.93 -8.66 13.41
N ALA A 190 22.55 -7.76 14.17
CA ALA A 190 23.65 -8.17 15.05
C ALA A 190 23.17 -9.21 16.06
N MET A 191 21.97 -9.02 16.60
CA MET A 191 21.45 -9.97 17.57
C MET A 191 21.08 -11.31 16.93
N ILE A 192 20.72 -11.31 15.64
CA ILE A 192 20.53 -12.57 14.94
C ILE A 192 21.87 -13.25 14.71
N ALA A 193 22.90 -12.48 14.32
CA ALA A 193 24.22 -13.06 14.14
C ALA A 193 24.75 -13.65 15.44
N GLN A 194 24.58 -12.90 16.54
CA GLN A 194 25.07 -13.39 17.83
C GLN A 194 24.36 -14.67 18.24
N ARG A 195 23.05 -14.76 17.98
CA ARG A 195 22.32 -15.99 18.26
C ARG A 195 22.86 -17.14 17.42
N TYR A 196 23.15 -16.89 16.15
CA TYR A 196 23.66 -17.96 15.28
C TYR A 196 24.99 -18.48 15.79
N GLY A 197 25.93 -17.58 16.09
CA GLY A 197 27.21 -18.00 16.61
C GLY A 197 27.10 -18.83 17.87
N ALA A 198 26.12 -18.54 18.72
CA ALA A 198 25.94 -19.29 19.95
C ALA A 198 25.39 -20.69 19.70
N VAL A 199 24.60 -20.86 18.65
CA VAL A 199 23.96 -22.14 18.38
C VAL A 199 24.80 -23.01 17.46
N HIS A 200 25.38 -22.43 16.40
CA HIS A 200 26.07 -23.18 15.37
C HIS A 200 27.55 -22.85 15.25
N GLY A 201 28.07 -21.94 16.07
CA GLY A 201 29.45 -21.47 15.91
C GLY A 201 29.50 -20.37 14.88
N TYR A 202 30.49 -19.47 15.03
CA TYR A 202 30.62 -18.29 14.19
C TYR A 202 32.02 -18.24 13.58
N ASP A 203 32.09 -17.81 12.32
CA ASP A 203 33.37 -17.74 11.59
C ASP A 203 33.35 -16.43 10.81
N ALA A 204 33.86 -15.37 11.44
CA ALA A 204 33.79 -14.05 10.82
C ALA A 204 34.51 -14.03 9.47
N ALA A 205 35.63 -14.74 9.36
CA ALA A 205 36.33 -14.80 8.08
C ALA A 205 35.47 -15.45 7.01
N ALA A 206 34.57 -16.36 7.39
CA ALA A 206 33.66 -16.96 6.41
C ALA A 206 32.70 -15.92 5.85
N LEU A 207 32.07 -15.14 6.73
CA LEU A 207 31.21 -14.05 6.26
C LEU A 207 31.98 -13.11 5.32
N ALA A 208 33.25 -12.87 5.63
CA ALA A 208 34.04 -11.93 4.84
C ALA A 208 34.14 -12.36 3.38
N ARG A 209 34.06 -13.66 3.11
CA ARG A 209 34.13 -14.13 1.74
C ARG A 209 32.96 -13.62 0.92
N ILE A 210 31.79 -13.44 1.55
CA ILE A 210 30.67 -12.81 0.87
C ILE A 210 31.08 -11.43 0.37
N CYS A 211 31.67 -10.62 1.25
CA CYS A 211 32.12 -9.28 0.87
C CYS A 211 33.15 -9.35 -0.24
N VAL A 212 34.16 -10.21 -0.08
CA VAL A 212 35.27 -10.26 -1.03
C VAL A 212 34.79 -10.68 -2.41
N ASP A 213 34.10 -11.82 -2.48
CA ASP A 213 33.70 -12.35 -3.78
C ASP A 213 32.70 -11.44 -4.48
N GLN A 214 31.77 -10.84 -3.73
CA GLN A 214 30.83 -9.90 -4.35
C GLN A 214 31.55 -8.63 -4.78
N ARG A 215 32.52 -8.17 -3.99
CA ARG A 215 33.31 -7.03 -4.42
C ARG A 215 34.09 -7.36 -5.68
N PHE A 216 34.61 -8.59 -5.77
CA PHE A 216 35.25 -9.05 -7.01
C PHE A 216 34.29 -8.94 -8.18
N ASN A 217 33.02 -9.32 -7.97
CA ASN A 217 32.02 -9.20 -9.03
C ASN A 217 31.82 -7.74 -9.41
N ALA A 218 31.66 -6.86 -8.40
CA ALA A 218 31.51 -5.44 -8.69
C ALA A 218 32.75 -4.88 -9.38
N CYS A 219 33.92 -5.44 -9.10
CA CYS A 219 35.14 -4.98 -9.75
C CYS A 219 35.12 -5.20 -11.26
N HIS A 220 34.27 -6.12 -11.74
CA HIS A 220 34.07 -6.34 -13.15
C HIS A 220 32.76 -5.74 -13.64
N ASN A 221 32.21 -4.77 -12.91
CA ASN A 221 30.95 -4.11 -13.27
C ASN A 221 31.18 -2.61 -13.27
N PRO A 222 31.43 -2.00 -14.43
CA PRO A 222 31.66 -0.55 -14.45
C PRO A 222 30.53 0.27 -13.85
N ASP A 223 29.31 -0.26 -13.79
CA ASP A 223 28.19 0.45 -13.20
C ASP A 223 28.13 0.30 -11.69
N ALA A 224 29.04 -0.46 -11.09
CA ALA A 224 28.99 -0.71 -9.65
C ALA A 224 29.67 0.42 -8.88
N MET A 225 29.15 0.68 -7.67
CA MET A 225 29.68 1.77 -6.86
C MET A 225 31.16 1.58 -6.55
N PHE A 226 31.56 0.36 -6.21
CA PHE A 226 32.94 0.05 -5.85
C PHE A 226 33.69 -0.64 -6.98
N TYR A 227 33.42 -0.22 -8.22
CA TYR A 227 34.16 -0.71 -9.37
C TYR A 227 35.64 -0.42 -9.23
N GLY A 228 36.46 -1.42 -9.49
CA GLY A 228 37.91 -1.25 -9.44
C GLY A 228 38.50 -1.10 -8.06
N GLN A 229 37.79 -1.54 -7.01
CA GLN A 229 38.26 -1.42 -5.63
C GLN A 229 38.18 -2.78 -4.95
N PRO A 230 39.15 -3.67 -5.21
CA PRO A 230 39.12 -4.99 -4.59
C PRO A 230 39.50 -4.93 -3.12
N ILE A 231 38.92 -5.83 -2.33
CA ILE A 231 39.20 -5.94 -0.91
C ILE A 231 39.52 -7.40 -0.59
N THR A 232 40.08 -7.61 0.60
CA THR A 232 40.44 -8.93 1.08
C THR A 232 39.68 -9.23 2.38
N VAL A 233 39.79 -10.48 2.82
CA VAL A 233 39.17 -10.87 4.09
C VAL A 233 39.71 -10.01 5.22
N ASP A 234 41.01 -9.67 5.17
CA ASP A 234 41.60 -8.84 6.21
C ASP A 234 40.96 -7.45 6.22
N ASP A 235 40.73 -6.87 5.05
CA ASP A 235 40.09 -5.56 4.98
C ASP A 235 38.73 -5.58 5.67
N VAL A 236 37.99 -6.67 5.54
CA VAL A 236 36.67 -6.75 6.15
C VAL A 236 36.78 -6.90 7.66
N LEU A 237 37.70 -7.76 8.11
CA LEU A 237 37.82 -8.01 9.55
C LEU A 237 38.42 -6.83 10.29
N ASN A 238 39.22 -6.01 9.61
CA ASN A 238 39.84 -4.85 10.24
C ASN A 238 38.98 -3.59 10.14
N SER A 239 37.88 -3.63 9.40
CA SER A 239 36.99 -2.49 9.35
C SER A 239 36.29 -2.32 10.71
N ARG A 240 35.79 -1.12 10.95
CA ARG A 240 35.24 -0.79 12.25
C ARG A 240 34.05 -1.67 12.58
N MET A 241 33.92 -2.00 13.87
CA MET A 241 32.75 -2.73 14.37
C MET A 241 31.60 -1.77 14.56
N VAL A 242 30.47 -2.06 13.92
CA VAL A 242 29.26 -1.27 14.12
C VAL A 242 28.45 -1.81 15.29
N ALA A 243 28.12 -3.10 15.26
CA ALA A 243 27.43 -3.76 16.36
C ALA A 243 27.85 -5.22 16.34
N ASP A 244 28.47 -5.67 17.43
CA ASP A 244 29.09 -6.99 17.45
C ASP A 244 28.08 -8.05 16.99
N PRO A 245 28.46 -8.96 16.09
CA PRO A 245 29.78 -9.11 15.46
C PRO A 245 29.87 -8.55 14.03
N LEU A 246 29.11 -7.50 13.73
CA LEU A 246 28.96 -7.00 12.37
C LEU A 246 29.92 -5.83 12.13
N HIS A 247 30.69 -5.94 11.04
CA HIS A 247 31.65 -4.92 10.63
C HIS A 247 31.01 -3.95 9.64
N VAL A 248 31.66 -2.79 9.47
CA VAL A 248 31.16 -1.79 8.52
C VAL A 248 31.03 -2.39 7.13
N LEU A 249 32.05 -3.14 6.69
CA LEU A 249 32.06 -3.68 5.34
C LEU A 249 31.05 -4.80 5.14
N GLU A 250 30.40 -5.27 6.20
CA GLU A 250 29.34 -6.28 6.08
C GLU A 250 27.96 -5.66 6.00
N ILE A 251 27.86 -4.33 6.02
CA ILE A 251 26.59 -3.61 6.02
C ILE A 251 26.57 -2.67 4.82
N VAL A 252 25.41 -2.58 4.16
CA VAL A 252 25.29 -1.68 3.03
C VAL A 252 25.31 -0.24 3.51
N LEU A 253 25.76 0.66 2.64
CA LEU A 253 25.67 2.09 2.87
C LEU A 253 24.43 2.66 2.18
N PRO A 254 23.78 3.66 2.76
CA PRO A 254 22.57 4.19 2.13
C PRO A 254 22.90 5.06 0.93
N ALA A 255 22.14 4.87 -0.15
CA ALA A 255 22.37 5.59 -1.39
C ALA A 255 21.05 5.77 -2.11
N ALA A 256 21.04 6.69 -3.08
CA ALA A 256 19.86 7.01 -3.86
C ALA A 256 19.90 6.32 -5.22
N GLY A 257 18.73 5.98 -5.73
CA GLY A 257 18.60 5.39 -7.04
C GLY A 257 17.15 5.19 -7.44
N GLY A 258 16.83 4.02 -7.94
CA GLY A 258 15.50 3.71 -8.42
C GLY A 258 15.56 2.73 -9.57
N GLY A 259 14.44 2.07 -9.82
CA GLY A 259 14.39 1.07 -10.86
C GLY A 259 12.98 0.86 -11.37
N ALA A 260 12.91 0.30 -12.58
CA ALA A 260 11.65 -0.07 -13.20
C ALA A 260 11.82 -1.40 -13.92
N MET A 261 10.69 -2.08 -14.12
CA MET A 261 10.70 -3.44 -14.64
C MET A 261 9.41 -3.68 -15.40
N ILE A 262 9.53 -4.21 -16.62
CA ILE A 262 8.39 -4.45 -17.49
C ILE A 262 8.17 -5.96 -17.57
N VAL A 263 6.94 -6.39 -17.27
CA VAL A 263 6.52 -7.77 -17.39
C VAL A 263 5.38 -7.82 -18.40
N THR A 264 5.39 -8.83 -19.26
CA THR A 264 4.39 -8.93 -20.31
C THR A 264 4.12 -10.40 -20.62
N ARG A 265 3.07 -10.64 -21.40
CA ARG A 265 2.70 -12.01 -21.76
C ARG A 265 3.83 -12.68 -22.52
N ALA A 266 3.84 -14.02 -22.46
CA ALA A 266 4.88 -14.78 -23.12
C ALA A 266 4.88 -14.52 -24.62
N ASP A 267 3.69 -14.46 -25.24
CA ASP A 267 3.64 -14.28 -26.69
C ASP A 267 4.13 -12.90 -27.10
N ARG A 268 3.70 -11.86 -26.39
CA ARG A 268 4.23 -10.52 -26.69
C ARG A 268 5.72 -10.45 -26.44
N ALA A 269 6.22 -11.17 -25.44
CA ALA A 269 7.64 -11.16 -25.14
C ALA A 269 8.48 -11.73 -26.28
N ARG A 270 7.87 -12.53 -27.16
CA ARG A 270 8.61 -13.09 -28.29
C ARG A 270 9.22 -11.99 -29.15
N THR A 271 8.49 -10.90 -29.37
CA THR A 271 8.90 -9.85 -30.28
C THR A 271 9.59 -8.67 -29.59
N THR A 272 9.81 -8.75 -28.28
CA THR A 272 10.56 -7.71 -27.61
C THR A 272 12.05 -7.82 -27.97
N ARG A 273 12.85 -6.90 -27.44
CA ARG A 273 14.21 -6.74 -27.94
C ARG A 273 15.17 -7.82 -27.45
N HIS A 274 14.95 -8.36 -26.25
CA HIS A 274 15.90 -9.28 -25.64
C HIS A 274 15.22 -10.62 -25.33
N ARG A 275 16.00 -11.54 -24.78
CA ARG A 275 15.49 -12.84 -24.40
C ARG A 275 14.47 -12.69 -23.28
N PRO A 276 13.27 -13.26 -23.42
CA PRO A 276 12.30 -13.19 -22.32
C PRO A 276 12.79 -13.99 -21.11
N VAL A 277 12.51 -13.44 -19.93
CA VAL A 277 12.87 -14.08 -18.67
C VAL A 277 11.57 -14.45 -17.97
N SER A 278 11.14 -15.71 -18.15
CA SER A 278 9.85 -16.14 -17.62
C SER A 278 9.90 -16.22 -16.10
N ILE A 279 8.78 -15.86 -15.47
CA ILE A 279 8.61 -16.00 -14.02
C ILE A 279 7.91 -17.34 -13.81
N VAL A 280 8.69 -18.37 -13.42
CA VAL A 280 8.17 -19.72 -13.30
C VAL A 280 7.90 -20.12 -11.86
N GLY A 281 8.38 -19.36 -10.88
CA GLY A 281 8.15 -19.69 -9.49
C GLY A 281 8.20 -18.48 -8.59
N CYS A 282 7.34 -18.44 -7.58
CA CYS A 282 7.29 -17.31 -6.66
C CYS A 282 6.88 -17.78 -5.28
N GLY A 283 7.23 -16.99 -4.28
CA GLY A 283 6.86 -17.28 -2.91
C GLY A 283 6.98 -16.04 -2.06
N GLU A 284 6.19 -15.98 -0.99
CA GLU A 284 6.11 -14.80 -0.15
C GLU A 284 5.81 -15.25 1.27
N HIS A 285 6.43 -14.59 2.25
CA HIS A 285 6.18 -14.94 3.64
C HIS A 285 6.49 -13.76 4.54
N VAL A 286 5.57 -13.48 5.46
CA VAL A 286 5.75 -12.47 6.51
C VAL A 286 5.17 -13.06 7.78
N SER A 287 6.03 -13.37 8.75
CA SER A 287 5.60 -13.97 10.00
C SER A 287 6.04 -13.17 11.23
N SER A 288 6.78 -12.09 11.05
CA SER A 288 7.20 -11.28 12.18
C SER A 288 7.68 -9.93 11.67
N LYS A 289 7.52 -8.91 12.51
CA LYS A 289 8.11 -7.60 12.26
C LYS A 289 9.47 -7.53 12.96
N SER A 290 9.46 -7.59 14.28
CA SER A 290 10.70 -7.65 15.05
C SER A 290 11.18 -9.10 15.15
N PRO A 291 12.48 -9.35 15.00
CA PRO A 291 12.97 -10.73 15.18
C PRO A 291 12.76 -11.25 16.59
N THR A 292 12.53 -10.36 17.56
CA THR A 292 12.33 -10.78 18.94
C THR A 292 11.13 -11.71 19.07
N TYR A 293 10.14 -11.56 18.20
CA TYR A 293 8.92 -12.35 18.27
C TYR A 293 8.91 -13.48 17.24
N MET A 294 10.02 -13.71 16.55
CA MET A 294 10.15 -14.90 15.72
C MET A 294 10.07 -16.15 16.58
N ALA A 295 9.47 -17.20 16.03
CA ALA A 295 9.50 -18.50 16.71
C ALA A 295 10.94 -18.91 17.01
N ASP A 296 11.85 -18.56 16.10
CA ASP A 296 13.29 -18.82 16.26
C ASP A 296 14.03 -17.96 15.24
N MET A 297 14.86 -17.02 15.70
CA MET A 297 15.46 -16.08 14.77
C MET A 297 16.32 -16.77 13.71
N LEU A 298 16.78 -17.99 13.98
CA LEU A 298 17.61 -18.71 13.02
C LEU A 298 16.77 -19.44 11.97
N GLN A 299 15.48 -19.63 12.23
CA GLN A 299 14.54 -20.20 11.26
C GLN A 299 13.79 -19.04 10.63
N THR A 300 14.24 -18.62 9.46
CA THR A 300 13.80 -17.35 8.90
C THR A 300 12.79 -17.54 7.79
N PRO A 301 11.97 -16.52 7.52
CA PRO A 301 10.83 -16.71 6.60
C PRO A 301 11.22 -16.83 5.13
N ILE A 302 12.49 -16.72 4.77
CA ILE A 302 12.88 -16.97 3.39
C ILE A 302 12.80 -18.45 3.05
N GLY A 303 12.86 -19.32 4.06
CA GLY A 303 12.71 -20.74 3.87
C GLY A 303 11.38 -21.11 3.27
N PRO A 304 10.29 -20.79 3.99
CA PRO A 304 8.95 -21.08 3.43
C PRO A 304 8.71 -20.44 2.08
N ALA A 305 9.13 -19.18 1.90
CA ALA A 305 8.93 -18.52 0.61
C ALA A 305 9.73 -19.19 -0.49
N SER A 306 10.95 -19.65 -0.18
CA SER A 306 11.77 -20.29 -1.19
C SER A 306 11.25 -21.68 -1.54
N ALA A 307 10.75 -22.41 -0.54
CA ALA A 307 10.20 -23.74 -0.79
C ALA A 307 9.00 -23.65 -1.73
N LYS A 308 8.15 -22.65 -1.54
CA LYS A 308 6.99 -22.47 -2.42
C LYS A 308 7.42 -22.12 -3.82
N ALA A 309 8.40 -21.22 -3.97
CA ALA A 309 8.87 -20.84 -5.29
C ALA A 309 9.50 -22.02 -6.02
N PHE A 310 10.32 -22.81 -5.32
CA PHE A 310 10.93 -23.98 -5.94
C PHE A 310 9.89 -25.03 -6.29
N GLU A 311 8.95 -25.29 -5.37
CA GLU A 311 7.89 -26.25 -5.64
C GLU A 311 7.08 -25.84 -6.87
N MET A 312 6.68 -24.57 -6.93
CA MET A 312 5.80 -24.12 -8.00
C MET A 312 6.50 -24.17 -9.35
N ALA A 313 7.80 -23.89 -9.39
CA ALA A 313 8.57 -24.01 -10.62
C ALA A 313 9.00 -25.45 -10.89
N GLY A 314 8.67 -26.39 -10.00
CA GLY A 314 9.09 -27.77 -10.16
C GLY A 314 10.59 -27.89 -10.26
N MET A 315 11.30 -27.40 -9.26
CA MET A 315 12.75 -27.22 -9.36
C MET A 315 13.40 -27.34 -7.99
N ARG A 316 14.70 -27.58 -8.00
CA ARG A 316 15.51 -27.73 -6.81
C ARG A 316 16.57 -26.64 -6.76
N PRO A 317 17.08 -26.31 -5.56
CA PRO A 317 18.21 -25.37 -5.48
C PRO A 317 19.37 -25.74 -6.38
N SER A 318 19.69 -27.03 -6.50
CA SER A 318 20.82 -27.46 -7.30
C SER A 318 20.61 -27.23 -8.80
N ASP A 319 19.40 -26.86 -9.22
CA ASP A 319 19.15 -26.56 -10.63
C ASP A 319 19.50 -25.13 -11.00
N MET A 320 19.77 -24.26 -10.01
CA MET A 320 20.02 -22.86 -10.30
C MET A 320 21.42 -22.67 -10.88
N HIS A 321 21.53 -21.77 -11.85
CA HIS A 321 22.81 -21.35 -12.38
C HIS A 321 23.34 -20.09 -11.69
N MET A 322 22.52 -19.44 -10.87
CA MET A 322 22.91 -18.22 -10.19
C MET A 322 21.95 -17.96 -9.05
N ALA A 323 22.43 -17.26 -8.03
CA ALA A 323 21.61 -16.86 -6.88
C ALA A 323 21.86 -15.38 -6.63
N GLN A 324 20.85 -14.55 -6.89
CA GLN A 324 20.91 -13.11 -6.63
C GLN A 324 20.17 -12.88 -5.32
N ILE A 325 20.91 -12.80 -4.22
CA ILE A 325 20.37 -12.85 -2.88
C ILE A 325 20.44 -11.46 -2.25
N TYR A 326 19.30 -11.00 -1.74
CA TYR A 326 19.25 -9.73 -1.02
C TYR A 326 20.32 -9.69 0.05
N ASP A 327 21.15 -8.66 0.02
CA ASP A 327 22.39 -8.66 0.78
C ASP A 327 22.63 -7.32 1.49
N CYS A 328 21.61 -6.84 2.20
CA CYS A 328 21.84 -5.66 3.03
CA CYS A 328 21.78 -5.68 3.06
C CYS A 328 22.77 -5.97 4.20
N TYR A 329 22.85 -7.23 4.63
CA TYR A 329 23.75 -7.68 5.66
C TYR A 329 24.30 -9.04 5.27
N THR A 330 25.60 -9.26 5.51
CA THR A 330 26.18 -10.56 5.18
C THR A 330 25.44 -11.69 5.86
N ILE A 331 24.94 -11.46 7.08
CA ILE A 331 24.24 -12.51 7.81
C ILE A 331 22.93 -12.87 7.10
N THR A 332 22.31 -11.91 6.41
CA THR A 332 21.13 -12.22 5.63
C THR A 332 21.45 -13.21 4.52
N VAL A 333 22.57 -13.01 3.83
CA VAL A 333 22.96 -13.88 2.72
C VAL A 333 23.19 -15.30 3.22
N MET A 334 24.00 -15.44 4.28
CA MET A 334 24.30 -16.76 4.80
CA MET A 334 24.30 -16.76 4.80
C MET A 334 23.04 -17.49 5.24
N LEU A 335 22.13 -16.78 5.92
CA LEU A 335 20.89 -17.42 6.36
C LEU A 335 20.00 -17.76 5.18
N THR A 336 20.02 -16.94 4.14
CA THR A 336 19.24 -17.25 2.94
C THR A 336 19.78 -18.50 2.25
N LEU A 337 21.11 -18.64 2.18
CA LEU A 337 21.70 -19.85 1.62
C LEU A 337 21.24 -21.09 2.37
N GLU A 338 21.21 -21.01 3.71
CA GLU A 338 20.73 -22.15 4.50
C GLU A 338 19.25 -22.40 4.26
N ASP A 339 18.42 -21.38 4.50
CA ASP A 339 16.97 -21.59 4.55
C ASP A 339 16.38 -21.81 3.16
N ALA A 340 17.02 -21.30 2.10
CA ALA A 340 16.52 -21.54 0.75
C ALA A 340 16.79 -22.96 0.29
N GLY A 341 17.71 -23.67 0.93
CA GLY A 341 18.01 -25.05 0.59
C GLY A 341 19.32 -25.27 -0.13
N PHE A 342 20.15 -24.23 -0.30
CA PHE A 342 21.44 -24.41 -0.96
C PHE A 342 22.44 -25.14 -0.06
N CYS A 343 22.23 -25.12 1.25
CA CYS A 343 23.06 -25.91 2.15
C CYS A 343 22.23 -26.22 3.40
N GLU A 344 22.73 -27.17 4.19
CA GLU A 344 22.02 -27.63 5.38
C GLU A 344 22.07 -26.58 6.48
N LYS A 345 21.05 -26.59 7.32
CA LYS A 345 21.02 -25.67 8.46
C LYS A 345 22.20 -25.94 9.37
N GLY A 346 22.81 -24.86 9.87
CA GLY A 346 24.01 -24.97 10.66
C GLY A 346 25.28 -25.20 9.86
N LYS A 347 25.18 -25.37 8.54
CA LYS A 347 26.35 -25.62 7.70
C LYS A 347 26.68 -24.43 6.80
N GLY A 348 25.98 -23.31 6.95
CA GLY A 348 26.23 -22.16 6.09
C GLY A 348 27.64 -21.62 6.20
N MET A 349 28.20 -21.63 7.42
CA MET A 349 29.57 -21.17 7.60
C MET A 349 30.53 -21.90 6.66
N ASP A 350 30.38 -23.23 6.59
CA ASP A 350 31.29 -24.03 5.77
C ASP A 350 30.99 -23.89 4.29
N PHE A 351 29.72 -23.68 3.92
CA PHE A 351 29.39 -23.41 2.53
C PHE A 351 30.14 -22.20 2.02
N LEU A 352 30.21 -21.14 2.82
CA LEU A 352 30.97 -19.96 2.42
C LEU A 352 32.45 -20.28 2.27
N ARG A 353 32.97 -21.17 3.12
CA ARG A 353 34.39 -21.50 3.07
C ARG A 353 34.74 -22.38 1.88
N ASN A 354 33.80 -23.21 1.43
CA ASN A 354 34.09 -24.27 0.47
C ASN A 354 33.63 -23.96 -0.95
N ASN A 355 33.12 -22.75 -1.21
CA ASN A 355 32.59 -22.42 -2.52
C ASN A 355 33.10 -21.06 -2.97
N ASP A 356 33.10 -20.87 -4.29
CA ASP A 356 33.54 -19.63 -4.94
C ASP A 356 32.30 -18.92 -5.46
N PHE A 357 32.01 -17.75 -4.90
CA PHE A 357 30.78 -17.03 -5.21
C PHE A 357 30.96 -15.97 -6.28
N THR A 358 32.15 -15.86 -6.87
CA THR A 358 32.33 -14.93 -7.97
C THR A 358 31.66 -15.48 -9.23
N PHE A 359 31.53 -14.61 -10.24
CA PHE A 359 30.98 -15.05 -11.52
C PHE A 359 31.88 -16.07 -12.21
N LYS A 360 33.14 -16.20 -11.77
CA LYS A 360 34.03 -17.25 -12.24
C LYS A 360 33.97 -18.51 -11.39
N GLY A 361 33.17 -18.50 -10.32
CA GLY A 361 33.16 -19.60 -9.37
C GLY A 361 32.08 -20.62 -9.67
N ASN A 362 31.97 -21.59 -8.75
CA ASN A 362 31.04 -22.70 -8.92
C ASN A 362 29.64 -22.39 -8.41
N PHE A 363 29.47 -21.34 -7.62
CA PHE A 363 28.17 -20.92 -7.12
C PHE A 363 28.04 -19.41 -7.29
N PRO A 364 27.88 -18.93 -8.52
CA PRO A 364 27.80 -17.49 -8.77
C PRO A 364 26.68 -16.86 -7.94
N MET A 365 27.02 -15.79 -7.22
CA MET A 365 26.09 -15.14 -6.30
C MET A 365 26.30 -13.63 -6.38
N ASN A 366 25.19 -12.91 -6.44
CA ASN A 366 25.20 -11.45 -6.52
C ASN A 366 26.28 -10.98 -7.50
N THR A 367 26.09 -11.41 -8.76
CA THR A 367 27.13 -11.23 -9.76
C THR A 367 27.29 -9.78 -10.20
N HIS A 368 26.34 -8.90 -9.89
CA HIS A 368 26.53 -7.48 -10.10
C HIS A 368 27.32 -6.82 -8.97
N GLY A 369 27.61 -7.56 -7.91
CA GLY A 369 28.22 -7.02 -6.71
C GLY A 369 27.27 -6.94 -5.54
N GLY A 370 25.98 -7.16 -5.75
CA GLY A 370 25.00 -7.04 -4.70
C GLY A 370 24.87 -5.60 -4.22
N GLN A 371 23.90 -5.34 -3.34
CA GLN A 371 23.80 -4.01 -2.74
C GLN A 371 25.05 -3.65 -1.97
N LEU A 372 25.83 -4.63 -1.51
CA LEU A 372 27.02 -4.33 -0.72
C LEU A 372 28.07 -3.59 -1.55
N SER A 373 28.31 -4.03 -2.79
CA SER A 373 29.35 -3.44 -3.63
C SER A 373 28.85 -2.79 -4.90
N PHE A 374 27.62 -3.09 -5.35
CA PHE A 374 27.04 -2.33 -6.44
C PHE A 374 26.36 -1.05 -5.94
N GLY A 375 25.86 -1.07 -4.71
CA GLY A 375 25.19 0.09 -4.14
C GLY A 375 23.76 -0.23 -3.74
N GLN A 376 23.30 0.34 -2.63
CA GLN A 376 21.96 0.12 -2.13
C GLN A 376 21.13 1.37 -2.40
N SER A 377 20.17 1.26 -3.33
CA SER A 377 19.36 2.39 -3.75
C SER A 377 18.05 2.46 -2.95
N GLY A 378 18.20 2.53 -1.63
CA GLY A 378 17.03 2.60 -0.78
C GLY A 378 16.11 1.41 -1.01
N THR A 379 14.82 1.69 -1.15
CA THR A 379 13.84 0.62 -1.36
C THR A 379 14.10 -0.13 -2.66
N ALA A 380 14.67 0.55 -3.66
CA ALA A 380 14.96 -0.07 -4.94
C ALA A 380 16.18 -0.97 -4.92
N GLY A 381 16.86 -1.09 -3.77
CA GLY A 381 18.04 -1.93 -3.71
C GLY A 381 17.77 -3.37 -4.13
N GLY A 382 16.67 -3.93 -3.63
CA GLY A 382 16.33 -5.30 -4.00
C GLY A 382 16.10 -5.50 -5.49
N MET A 383 15.73 -4.44 -6.20
CA MET A 383 15.54 -4.56 -7.64
C MET A 383 16.85 -4.87 -8.35
N SER A 384 17.97 -4.42 -7.80
CA SER A 384 19.26 -4.71 -8.43
C SER A 384 19.51 -6.21 -8.51
N GLN A 385 18.96 -6.98 -7.56
CA GLN A 385 19.10 -8.44 -7.62
C GLN A 385 18.27 -9.01 -8.76
N VAL A 386 17.05 -8.51 -8.94
CA VAL A 386 16.23 -9.00 -10.04
C VAL A 386 16.83 -8.58 -11.38
N ILE A 387 17.30 -7.34 -11.46
CA ILE A 387 17.82 -6.82 -12.73
C ILE A 387 19.08 -7.57 -13.14
N GLU A 388 19.94 -7.89 -12.18
CA GLU A 388 21.16 -8.63 -12.51
C GLU A 388 20.83 -10.03 -13.01
N ALA A 389 19.80 -10.66 -12.44
CA ALA A 389 19.36 -11.95 -12.96
C ALA A 389 18.83 -11.81 -14.39
N VAL A 390 18.02 -10.78 -14.64
CA VAL A 390 17.52 -10.54 -15.99
C VAL A 390 18.69 -10.26 -16.93
N HIS A 391 19.64 -9.44 -16.50
CA HIS A 391 20.81 -9.15 -17.32
C HIS A 391 21.60 -10.42 -17.62
N GLN A 392 21.82 -11.25 -16.61
CA GLN A 392 22.55 -12.50 -16.82
C GLN A 392 21.80 -13.42 -17.77
N ILE A 393 20.50 -13.63 -17.51
CA ILE A 393 19.73 -14.56 -18.32
C ILE A 393 19.61 -14.05 -19.76
N GLN A 394 19.57 -12.74 -19.94
CA GLN A 394 19.50 -12.16 -21.28
C GLN A 394 20.86 -12.03 -21.95
N GLY A 395 21.94 -12.38 -21.26
CA GLY A 395 23.26 -12.33 -21.85
C GLY A 395 23.80 -10.93 -22.04
N ARG A 396 23.51 -10.02 -21.11
CA ARG A 396 23.85 -8.61 -21.23
C ARG A 396 24.77 -8.15 -20.11
N ALA A 397 25.51 -9.06 -19.48
CA ALA A 397 26.29 -8.74 -18.30
C ALA A 397 27.76 -8.46 -18.59
N GLY A 398 28.13 -8.30 -19.86
CA GLY A 398 29.48 -7.87 -20.16
C GLY A 398 30.53 -8.84 -19.66
N ASP A 399 31.57 -8.31 -19.02
CA ASP A 399 32.70 -9.13 -18.61
C ASP A 399 32.32 -10.17 -17.57
N ARG A 400 31.30 -9.89 -16.75
CA ARG A 400 30.86 -10.82 -15.71
C ARG A 400 29.79 -11.79 -16.20
N GLN A 401 29.63 -11.91 -17.53
CA GLN A 401 28.58 -12.75 -18.08
C GLN A 401 28.82 -14.21 -17.74
N LEU A 402 27.80 -14.86 -17.19
CA LEU A 402 27.87 -16.29 -16.91
C LEU A 402 27.65 -17.08 -18.18
N GLY A 403 28.52 -18.07 -18.42
CA GLY A 403 28.34 -18.93 -19.57
C GLY A 403 27.04 -19.71 -19.50
N ARG A 404 26.68 -20.20 -18.31
CA ARG A 404 25.41 -20.89 -18.07
C ARG A 404 24.46 -19.87 -17.43
N ASN A 405 23.43 -19.47 -18.19
CA ASN A 405 22.62 -18.31 -17.85
C ASN A 405 21.14 -18.54 -18.21
N ASP A 406 20.56 -19.61 -17.65
CA ASP A 406 19.18 -19.95 -17.93
C ASP A 406 18.27 -19.92 -16.72
N LEU A 407 18.77 -20.27 -15.54
CA LEU A 407 17.95 -20.37 -14.34
C LEU A 407 18.54 -19.52 -13.22
N ALA A 408 17.66 -18.80 -12.53
CA ALA A 408 18.07 -17.88 -11.48
C ALA A 408 17.17 -18.03 -10.26
N TYR A 409 17.79 -17.99 -9.08
CA TYR A 409 17.06 -17.82 -7.83
C TYR A 409 17.26 -16.39 -7.37
N VAL A 410 16.18 -15.72 -7.00
CA VAL A 410 16.21 -14.34 -6.54
C VAL A 410 15.45 -14.24 -5.21
N SER A 411 16.02 -13.51 -4.27
CA SER A 411 15.41 -13.31 -2.96
C SER A 411 15.29 -11.81 -2.68
N GLY A 412 14.28 -11.49 -1.88
CA GLY A 412 14.12 -10.13 -1.38
C GLY A 412 13.77 -10.17 0.09
N THR A 413 14.39 -9.26 0.85
CA THR A 413 14.22 -9.25 2.30
C THR A 413 13.94 -7.83 2.77
N GLY A 414 12.93 -7.67 3.63
CA GLY A 414 12.62 -6.38 4.21
C GLY A 414 12.80 -6.37 5.71
N GLY A 415 13.02 -5.19 6.29
CA GLY A 415 13.18 -5.10 7.72
C GLY A 415 14.35 -5.93 8.20
N VAL A 416 14.23 -6.44 9.43
CA VAL A 416 15.23 -7.32 9.99
C VAL A 416 14.75 -8.76 9.84
N MET A 417 14.99 -9.34 8.66
CA MET A 417 14.53 -10.69 8.33
C MET A 417 13.02 -10.81 8.50
N SER A 418 12.29 -9.74 8.15
CA SER A 418 10.85 -9.70 8.33
C SER A 418 10.13 -10.13 7.06
N GLU A 419 9.96 -9.21 6.10
CA GLU A 419 9.29 -9.52 4.85
C GLU A 419 10.24 -10.26 3.91
N GLN A 420 9.73 -11.30 3.25
CA GLN A 420 10.56 -12.13 2.39
C GLN A 420 9.82 -12.54 1.13
N GLY A 421 10.53 -12.53 0.01
CA GLY A 421 10.01 -13.05 -1.23
C GLY A 421 11.09 -13.82 -1.97
N ALA A 422 10.64 -14.73 -2.83
CA ALA A 422 11.54 -15.56 -3.61
C ALA A 422 10.98 -15.74 -5.01
N LEU A 423 11.88 -15.72 -6.00
CA LEU A 423 11.52 -15.92 -7.39
C LEU A 423 12.43 -16.97 -8.00
N ILE A 424 11.87 -17.80 -8.86
CA ILE A 424 12.62 -18.63 -9.78
C ILE A 424 12.38 -18.07 -11.19
N LEU A 425 13.45 -17.66 -11.85
CA LEU A 425 13.37 -17.10 -13.19
C LEU A 425 14.04 -18.06 -14.18
N ARG A 426 13.48 -18.14 -15.38
CA ARG A 426 13.93 -19.09 -16.40
C ARG A 426 13.89 -18.42 -17.75
N GLY A 427 15.03 -18.37 -18.43
CA GLY A 427 15.09 -17.78 -19.75
C GLY A 427 14.29 -18.60 -20.76
N ALA A 428 13.79 -17.90 -21.77
CA ALA A 428 13.05 -18.55 -22.85
C ALA A 428 14.03 -19.10 -23.90
N TRP B 3 13.05 11.07 31.76
N TRP B 3 13.42 11.42 31.98
CA TRP B 3 14.28 10.96 30.98
CA TRP B 3 14.30 10.87 30.95
C TRP B 3 14.22 11.81 29.73
C TRP B 3 14.21 11.71 29.67
N ASN B 4 15.38 12.05 29.12
CA ASN B 4 15.44 12.73 27.83
C ASN B 4 15.30 11.75 26.67
N LYS B 5 15.51 10.46 26.93
CA LYS B 5 15.39 9.43 25.92
C LYS B 5 13.93 9.14 25.65
N PRO B 6 13.61 8.43 24.57
CA PRO B 6 12.21 8.05 24.31
C PRO B 6 11.66 7.24 25.48
N LEU B 7 10.40 7.51 25.83
CA LEU B 7 9.76 6.80 26.92
C LEU B 7 8.51 6.11 26.41
N PRO B 8 8.12 4.99 27.04
CA PRO B 8 6.87 4.34 26.64
C PRO B 8 5.68 5.23 26.96
N HIS B 9 4.70 5.23 26.05
CA HIS B 9 3.44 5.92 26.24
C HIS B 9 2.36 4.85 26.36
N PRO B 10 2.11 4.33 27.57
CA PRO B 10 1.25 3.15 27.70
C PRO B 10 -0.16 3.42 27.20
N THR B 11 -0.74 2.40 26.58
CA THR B 11 -2.13 2.41 26.15
C THR B 11 -2.99 1.67 27.17
N GLU B 12 -4.31 1.76 27.00
CA GLU B 12 -5.20 0.99 27.87
C GLU B 12 -4.92 -0.50 27.76
N ILE B 13 -4.35 -0.94 26.64
CA ILE B 13 -4.04 -2.36 26.47
C ILE B 13 -2.78 -2.74 27.23
N SER B 14 -1.75 -1.91 27.18
CA SER B 14 -0.46 -2.21 27.79
C SER B 14 -0.30 -1.62 29.19
N ALA B 15 -1.25 -0.80 29.63
CA ALA B 15 -1.13 -0.14 30.94
C ALA B 15 -0.85 -1.11 32.08
N PRO B 16 -1.52 -2.26 32.21
CA PRO B 16 -1.24 -3.14 33.34
C PRO B 16 0.20 -3.63 33.40
N TYR B 17 0.86 -3.79 32.24
CA TYR B 17 2.25 -4.21 32.24
C TYR B 17 3.15 -3.10 32.78
N TRP B 18 2.96 -1.87 32.31
CA TRP B 18 3.78 -0.77 32.77
C TRP B 18 3.46 -0.41 34.21
N GLU B 19 2.19 -0.51 34.61
CA GLU B 19 1.85 -0.35 36.01
C GLU B 19 2.49 -1.44 36.86
N GLY B 20 2.58 -2.65 36.33
CA GLY B 20 3.20 -3.73 37.07
C GLY B 20 4.66 -3.46 37.38
N LEU B 21 5.40 -2.92 36.40
CA LEU B 21 6.79 -2.57 36.65
C LEU B 21 6.91 -1.57 37.79
N LYS B 22 5.98 -0.61 37.85
CA LYS B 22 5.96 0.32 38.97
C LYS B 22 5.80 -0.40 40.30
N ALA B 23 5.05 -1.49 40.31
CA ALA B 23 4.85 -2.31 41.50
C ALA B 23 5.94 -3.35 41.69
N HIS B 24 7.03 -3.26 40.92
CA HIS B 24 8.11 -4.26 40.97
C HIS B 24 7.58 -5.65 40.64
N GLU B 25 6.76 -5.72 39.59
CA GLU B 25 6.16 -6.96 39.13
C GLU B 25 6.30 -7.07 37.63
N VAL B 26 6.41 -8.30 37.15
CA VAL B 26 6.42 -8.61 35.73
C VAL B 26 5.12 -9.32 35.42
N ARG B 27 4.19 -8.64 34.77
CA ARG B 27 2.86 -9.16 34.48
C ARG B 27 2.78 -9.50 33.00
N ILE B 28 2.42 -10.75 32.71
CA ILE B 28 2.31 -11.25 31.35
C ILE B 28 0.92 -11.86 31.18
N GLN B 29 0.25 -11.50 30.08
CA GLN B 29 -1.10 -12.00 29.85
C GLN B 29 -1.09 -13.47 29.48
N GLN B 30 -2.19 -14.15 29.81
CA GLN B 30 -2.39 -15.54 29.47
C GLN B 30 -3.86 -15.76 29.15
N CYS B 31 -4.14 -16.42 28.03
CA CYS B 31 -5.51 -16.79 27.72
C CYS B 31 -5.92 -17.99 28.58
N ASP B 32 -7.23 -18.21 28.68
CA ASP B 32 -7.68 -19.30 29.54
C ASP B 32 -7.41 -20.68 28.94
N ARG B 33 -6.82 -20.75 27.75
CA ARG B 33 -6.31 -22.00 27.21
C ARG B 33 -4.85 -22.23 27.57
N GLY B 34 -4.19 -21.24 28.19
CA GLY B 34 -2.85 -21.41 28.71
C GLY B 34 -1.75 -20.73 27.93
N HIS B 35 -2.07 -19.98 26.88
CA HIS B 35 -1.05 -19.36 26.05
C HIS B 35 -0.66 -18.00 26.62
N SER B 36 0.62 -17.83 26.90
CA SER B 36 1.17 -16.53 27.30
C SER B 36 1.51 -15.72 26.06
N LEU B 37 1.43 -14.39 26.20
CA LEU B 37 1.66 -13.52 25.07
C LEU B 37 2.35 -12.24 25.53
N PHE B 38 3.20 -11.71 24.64
CA PHE B 38 3.84 -10.41 24.81
C PHE B 38 4.42 -10.04 23.45
N PHE B 39 4.23 -8.80 22.98
CA PHE B 39 3.63 -7.67 23.69
C PHE B 39 2.13 -7.78 24.02
N PRO B 40 1.64 -6.90 24.88
CA PRO B 40 0.23 -6.98 25.29
C PRO B 40 -0.73 -6.80 24.13
N ARG B 41 -1.87 -7.49 24.20
CA ARG B 41 -2.92 -7.42 23.22
C ARG B 41 -4.27 -7.57 23.93
N THR B 42 -5.35 -7.43 23.18
CA THR B 42 -6.69 -7.76 23.67
C THR B 42 -7.17 -9.10 23.15
N HIS B 43 -6.28 -9.87 22.52
CA HIS B 43 -6.62 -11.20 21.99
C HIS B 43 -5.40 -12.08 22.14
N CYS B 44 -5.62 -13.38 22.15
CA CYS B 44 -4.52 -14.32 22.17
C CYS B 44 -3.97 -14.48 20.76
N PRO B 45 -2.69 -14.16 20.51
CA PRO B 45 -2.13 -14.35 19.16
C PRO B 45 -1.93 -15.81 18.78
N THR B 46 -2.19 -16.75 19.69
CA THR B 46 -2.08 -18.17 19.36
C THR B 46 -3.43 -18.74 18.92
N CYS B 47 -4.45 -18.64 19.77
CA CYS B 47 -5.74 -19.28 19.53
C CYS B 47 -6.88 -18.31 19.29
N GLY B 48 -6.65 -17.00 19.43
CA GLY B 48 -7.69 -16.03 19.18
C GLY B 48 -8.67 -15.81 20.31
N SER B 49 -8.41 -16.39 21.48
CA SER B 49 -9.29 -16.18 22.62
C SER B 49 -9.20 -14.74 23.10
N ARG B 50 -10.33 -14.23 23.59
CA ARG B 50 -10.42 -12.87 24.14
CA ARG B 50 -10.40 -12.88 24.14
C ARG B 50 -10.44 -12.87 25.66
N SER B 51 -10.42 -14.04 26.30
CA SER B 51 -10.42 -14.14 27.76
C SER B 51 -8.97 -14.20 28.20
N LEU B 52 -8.40 -13.04 28.48
CA LEU B 52 -7.00 -12.92 28.89
C LEU B 52 -6.93 -12.44 30.33
N LYS B 53 -5.99 -13.01 31.08
CA LYS B 53 -5.71 -12.58 32.43
C LYS B 53 -4.25 -12.15 32.54
N TRP B 54 -3.99 -11.23 33.46
CA TRP B 54 -2.64 -10.74 33.71
C TRP B 54 -2.02 -11.59 34.82
N SER B 55 -1.02 -12.39 34.45
CA SER B 55 -0.38 -13.31 35.37
C SER B 55 0.93 -12.72 35.90
N LYS B 56 1.19 -12.94 37.20
CA LYS B 56 2.45 -12.54 37.81
C LYS B 56 3.49 -13.62 37.57
N VAL B 57 4.57 -13.26 36.88
CA VAL B 57 5.66 -14.19 36.63
C VAL B 57 6.90 -13.70 37.37
N SER B 58 7.81 -14.63 37.63
CA SER B 58 9.01 -14.31 38.40
C SER B 58 9.90 -13.30 37.70
N GLY B 59 9.84 -13.20 36.38
CA GLY B 59 10.75 -12.37 35.63
C GLY B 59 12.07 -13.04 35.32
N GLU B 60 12.25 -14.29 35.72
CA GLU B 60 13.47 -15.03 35.43
C GLU B 60 13.38 -15.68 34.05
N GLY B 61 14.53 -15.81 33.43
CA GLY B 61 14.59 -16.40 32.10
C GLY B 61 16.02 -16.55 31.65
N THR B 62 16.20 -16.62 30.33
CA THR B 62 17.54 -16.73 29.76
C THR B 62 17.74 -15.65 28.71
N LEU B 63 19.00 -15.24 28.56
CA LEU B 63 19.38 -14.28 27.53
C LEU B 63 19.27 -14.95 26.17
N TYR B 64 18.28 -14.56 25.38
CA TYR B 64 18.10 -15.18 24.06
C TYR B 64 19.15 -14.69 23.08
N SER B 65 19.40 -13.38 23.06
CA SER B 65 20.46 -12.82 22.22
C SER B 65 20.82 -11.44 22.76
N PHE B 66 21.90 -10.89 22.22
CA PHE B 66 22.40 -9.60 22.66
C PHE B 66 23.32 -9.03 21.60
N THR B 67 23.64 -7.75 21.77
CA THR B 67 24.70 -7.12 21.00
C THR B 67 25.16 -5.88 21.77
N VAL B 68 26.39 -5.46 21.49
CA VAL B 68 26.99 -4.29 22.11
C VAL B 68 27.06 -3.19 21.05
N ALA B 69 26.35 -2.10 21.29
CA ALA B 69 26.32 -0.98 20.35
C ALA B 69 27.63 -0.19 20.49
N ARG B 70 28.42 -0.17 19.43
CA ARG B 70 29.62 0.67 19.39
C ARG B 70 29.32 2.08 18.92
N ILE B 71 28.29 2.24 18.10
CA ILE B 71 27.79 3.55 17.69
C ILE B 71 26.41 3.74 18.30
N PRO B 72 26.13 4.87 18.93
CA PRO B 72 24.81 5.04 19.59
C PRO B 72 23.67 4.90 18.61
N THR B 73 22.68 4.09 18.99
CA THR B 73 21.46 3.99 18.19
C THR B 73 20.83 5.37 18.02
N MET B 74 21.04 6.26 18.98
CA MET B 74 20.82 7.69 18.78
C MET B 74 21.56 8.43 19.88
N PRO B 75 22.04 9.66 19.63
CA PRO B 75 22.80 10.40 20.64
C PRO B 75 22.24 10.35 22.05
N GLU B 76 20.93 10.22 22.21
CA GLU B 76 20.34 10.29 23.54
C GLU B 76 20.79 9.14 24.43
N PHE B 77 21.25 8.03 23.84
CA PHE B 77 21.70 6.88 24.61
C PHE B 77 23.22 6.86 24.80
N THR B 78 23.89 8.00 24.62
CA THR B 78 25.33 8.04 24.77
C THR B 78 25.75 7.80 26.22
N ASP B 79 24.94 8.24 27.19
CA ASP B 79 25.26 8.01 28.60
C ASP B 79 25.06 6.56 29.02
N GLU B 80 24.58 5.70 28.12
CA GLU B 80 24.45 4.28 28.36
C GLU B 80 25.48 3.46 27.57
N MET B 81 26.53 4.12 27.08
CA MET B 81 27.45 3.37 26.22
C MET B 81 28.41 2.55 27.08
N PRO B 82 28.79 1.35 26.61
CA PRO B 82 28.24 0.75 25.39
C PRO B 82 26.91 0.05 25.64
N GLN B 83 25.92 0.29 24.78
CA GLN B 83 24.58 -0.25 25.00
C GLN B 83 24.61 -1.77 24.90
N ALA B 84 24.24 -2.43 25.99
CA ALA B 84 24.10 -3.89 26.00
C ALA B 84 22.65 -4.25 25.66
N LEU B 85 22.32 -4.09 24.39
CA LEU B 85 20.98 -4.44 23.91
C LEU B 85 20.78 -5.96 24.01
N ALA B 86 19.61 -6.36 24.47
CA ALA B 86 19.38 -7.76 24.80
C ALA B 86 17.95 -8.16 24.48
N VAL B 87 17.77 -9.46 24.28
CA VAL B 87 16.45 -10.08 24.14
C VAL B 87 16.38 -11.21 25.17
N ILE B 88 15.40 -11.12 26.07
CA ILE B 88 15.23 -12.10 27.13
C ILE B 88 14.08 -13.02 26.74
N GLU B 89 14.26 -14.32 26.94
CA GLU B 89 13.17 -15.29 26.86
C GLU B 89 12.79 -15.67 28.28
N LEU B 90 11.57 -15.32 28.68
CA LEU B 90 11.12 -15.64 30.02
C LEU B 90 10.79 -17.13 30.14
N ARG B 91 10.73 -17.60 31.37
CA ARG B 91 10.38 -19.00 31.63
C ARG B 91 9.08 -19.38 30.93
N GLU B 92 8.14 -18.44 30.86
CA GLU B 92 6.83 -18.73 30.28
C GLU B 92 6.85 -18.79 28.76
N GLY B 93 7.94 -18.34 28.12
CA GLY B 93 8.11 -18.48 26.68
C GLY B 93 8.02 -17.20 25.89
N VAL B 94 7.60 -16.10 26.51
CA VAL B 94 7.56 -14.83 25.81
C VAL B 94 8.96 -14.22 25.77
N ARG B 95 9.15 -13.27 24.85
CA ARG B 95 10.43 -12.59 24.67
C ARG B 95 10.23 -11.09 24.86
N ILE B 96 11.23 -10.44 25.46
CA ILE B 96 11.15 -9.03 25.83
C ILE B 96 12.44 -8.35 25.42
N ASN B 97 12.31 -7.21 24.72
CA ASN B 97 13.46 -6.35 24.43
C ASN B 97 13.80 -5.55 25.68
N THR B 98 15.11 -5.38 25.92
CA THR B 98 15.59 -4.76 27.15
C THR B 98 17.07 -4.44 26.97
N THR B 99 17.72 -4.05 28.07
CA THR B 99 19.17 -3.95 28.13
C THR B 99 19.64 -4.60 29.42
N MET B 100 20.90 -5.01 29.44
CA MET B 100 21.50 -5.64 30.60
C MET B 100 22.23 -4.62 31.45
N VAL B 101 22.11 -4.76 32.78
CA VAL B 101 22.80 -3.91 33.74
C VAL B 101 23.58 -4.82 34.69
N GLY B 102 24.52 -4.20 35.40
CA GLY B 102 25.29 -4.93 36.40
C GLY B 102 26.21 -5.99 35.85
N VAL B 103 26.45 -6.02 34.54
CA VAL B 103 27.39 -6.96 33.94
C VAL B 103 28.12 -6.24 32.81
N ALA B 104 29.36 -6.67 32.56
CA ALA B 104 30.10 -6.14 31.43
C ALA B 104 29.38 -6.48 30.14
N PRO B 105 29.32 -5.53 29.19
CA PRO B 105 28.61 -5.82 27.92
C PRO B 105 29.28 -6.93 27.12
N GLU B 106 30.61 -6.93 27.09
CA GLU B 106 31.32 -7.95 26.34
C GLU B 106 31.36 -9.30 27.05
N ALA B 107 30.84 -9.40 28.27
CA ALA B 107 30.85 -10.65 29.02
C ALA B 107 29.64 -11.52 28.72
N LEU B 108 28.54 -10.92 28.28
CA LEU B 108 27.29 -11.63 28.09
C LEU B 108 27.46 -12.93 27.31
N LYS B 109 26.55 -13.87 27.56
CA LYS B 109 26.51 -15.13 26.83
C LYS B 109 25.07 -15.53 26.59
N VAL B 110 24.79 -16.00 25.37
CA VAL B 110 23.45 -16.49 25.05
C VAL B 110 23.12 -17.68 25.94
N GLY B 111 21.94 -17.65 26.56
CA GLY B 111 21.48 -18.74 27.39
C GLY B 111 21.69 -18.56 28.89
N MET B 112 22.44 -17.53 29.29
CA MET B 112 22.68 -17.30 30.71
C MET B 112 21.38 -16.93 31.41
N GLU B 113 21.24 -17.37 32.65
CA GLU B 113 20.06 -17.05 33.45
C GLU B 113 20.09 -15.58 33.85
N VAL B 114 18.90 -14.96 33.88
CA VAL B 114 18.79 -13.53 34.14
C VAL B 114 17.69 -13.27 35.16
N ARG B 115 17.81 -12.12 35.84
CA ARG B 115 16.83 -11.60 36.78
C ARG B 115 16.30 -10.26 36.28
N PRO B 116 15.05 -9.91 36.62
CA PRO B 116 14.55 -8.58 36.28
C PRO B 116 15.13 -7.52 37.19
N VAL B 117 15.24 -6.31 36.64
CA VAL B 117 15.70 -5.13 37.38
C VAL B 117 14.78 -3.97 37.01
N PHE B 118 14.13 -3.39 38.01
CA PHE B 118 13.14 -2.35 37.79
C PHE B 118 13.84 -0.99 37.84
N ASP B 119 13.90 -0.32 36.70
CA ASP B 119 14.67 0.91 36.51
C ASP B 119 13.75 2.09 36.75
N GLU B 120 13.88 2.74 37.90
CA GLU B 120 13.01 3.83 38.32
C GLU B 120 13.59 5.20 38.01
N ARG B 121 14.68 5.27 37.24
CA ARG B 121 15.38 6.53 37.05
C ARG B 121 14.59 7.55 36.23
N PRO B 122 13.77 7.14 35.26
CA PRO B 122 12.97 8.13 34.51
C PRO B 122 11.94 8.87 35.37
N GLY B 123 11.76 8.46 36.64
CA GLY B 123 10.81 9.13 37.51
C GLY B 123 9.49 8.40 37.60
N GLU B 124 8.46 8.91 36.91
CA GLU B 124 7.15 8.30 36.99
C GLU B 124 7.07 6.99 36.21
N VAL B 125 7.92 6.83 35.20
CA VAL B 125 7.91 5.63 34.36
C VAL B 125 9.05 4.71 34.80
N THR B 126 8.71 3.46 35.09
CA THR B 126 9.68 2.42 35.41
C THR B 126 9.91 1.57 34.16
N LEU B 127 11.17 1.30 33.86
CA LEU B 127 11.55 0.43 32.76
C LEU B 127 12.08 -0.90 33.29
N LEU B 128 12.09 -1.90 32.42
CA LEU B 128 12.47 -3.26 32.80
C LEU B 128 13.83 -3.57 32.19
N ARG B 129 14.85 -3.68 33.04
CA ARG B 129 16.16 -4.16 32.67
C ARG B 129 16.34 -5.58 33.19
N PHE B 130 17.48 -6.18 32.89
CA PHE B 130 17.79 -7.52 33.37
C PHE B 130 19.26 -7.57 33.76
N THR B 131 19.59 -8.52 34.63
CA THR B 131 20.96 -8.73 35.06
C THR B 131 21.19 -10.21 35.30
N ALA B 132 22.47 -10.57 35.45
CA ALA B 132 22.81 -11.97 35.71
C ALA B 132 22.10 -12.47 36.95
N HIS B 133 21.63 -13.72 36.89
CA HIS B 133 20.87 -14.27 38.01
C HIS B 133 21.75 -14.43 39.24
N ALA B 134 23.03 -14.77 39.04
CA ALA B 134 23.96 -14.97 40.15
C ALA B 134 24.70 -13.70 40.54
N GLY B 135 24.50 -12.60 39.81
CA GLY B 135 25.19 -11.38 40.12
C GLY B 135 24.70 -10.72 41.39
N SER B 136 25.39 -9.64 41.77
CA SER B 136 25.08 -8.90 42.98
C SER B 136 24.28 -7.63 42.72
N HIS B 137 23.92 -7.35 41.48
CA HIS B 137 23.17 -6.14 41.18
C HIS B 137 21.79 -6.21 41.82
N PRO B 138 21.33 -5.13 42.47
CA PRO B 138 20.01 -5.17 43.10
C PRO B 138 18.90 -5.29 42.08
N SER B 139 17.70 -5.56 42.58
CA SER B 139 16.52 -5.70 41.74
C SER B 139 15.90 -4.37 41.34
N VAL B 140 16.46 -3.24 41.81
CA VAL B 140 15.92 -1.92 41.53
C VAL B 140 17.07 -0.97 41.22
N ILE B 141 16.76 0.09 40.50
CA ILE B 141 17.66 1.22 40.30
C ILE B 141 16.89 2.46 40.73
N LYS B 142 17.12 2.90 41.96
CA LYS B 142 16.44 4.10 42.46
C LYS B 142 16.88 5.31 41.65
N ALA B 143 15.90 6.17 41.34
CA ALA B 143 16.18 7.42 40.63
C ALA B 143 17.33 8.18 41.30
N ASP B 144 18.11 8.87 40.48
CA ASP B 144 19.22 9.67 40.96
C ASP B 144 18.73 11.02 41.48
N MET C 25 -10.13 -19.03 -18.62
CA MET C 25 -9.22 -17.95 -18.15
C MET C 25 -9.90 -17.16 -17.03
N GLY C 26 -9.11 -16.44 -16.25
CA GLY C 26 -9.63 -15.69 -15.13
C GLY C 26 -9.88 -16.57 -13.92
N LEU C 27 -10.59 -16.00 -12.94
CA LEU C 27 -10.95 -16.76 -11.76
C LEU C 27 -11.84 -17.93 -12.14
N GLN C 28 -11.61 -19.08 -11.51
CA GLN C 28 -12.37 -20.29 -11.76
C GLN C 28 -13.43 -20.56 -10.70
N GLY C 29 -13.56 -19.69 -9.71
CA GLY C 29 -14.56 -19.87 -8.68
C GLY C 29 -14.18 -20.83 -7.57
N LYS C 30 -12.89 -21.06 -7.34
CA LYS C 30 -12.43 -21.97 -6.31
C LYS C 30 -12.18 -21.29 -4.97
N ALA C 31 -12.53 -20.01 -4.86
CA ALA C 31 -12.45 -19.28 -3.59
C ALA C 31 -13.83 -18.74 -3.25
N ALA C 32 -14.14 -18.69 -1.95
CA ALA C 32 -15.46 -18.30 -1.50
C ALA C 32 -15.37 -17.48 -0.22
N LEU C 33 -16.27 -16.51 -0.10
CA LEU C 33 -16.46 -15.78 1.16
C LEU C 33 -17.25 -16.67 2.11
N VAL C 34 -16.71 -16.87 3.32
CA VAL C 34 -17.33 -17.78 4.28
C VAL C 34 -17.61 -17.11 5.62
N GLY C 35 -16.98 -15.98 5.94
CA GLY C 35 -17.25 -15.28 7.18
C GLY C 35 -17.12 -13.78 7.04
N VAL C 36 -17.98 -13.03 7.73
CA VAL C 36 -17.99 -11.58 7.66
C VAL C 36 -18.15 -10.99 9.05
N ALA C 37 -17.77 -9.72 9.19
CA ALA C 37 -17.94 -8.97 10.42
C ALA C 37 -17.80 -7.49 10.10
N GLN C 38 -18.60 -6.66 10.75
CA GLN C 38 -18.46 -5.21 10.54
C GLN C 38 -19.10 -4.46 11.70
N TYR C 39 -18.46 -3.37 12.10
CA TYR C 39 -19.03 -2.49 13.10
C TYR C 39 -20.23 -1.76 12.54
N LYS C 40 -21.18 -1.44 13.41
CA LYS C 40 -22.29 -0.60 13.03
C LYS C 40 -21.81 0.81 12.74
N PRO C 41 -22.13 1.40 11.58
CA PRO C 41 -21.71 2.78 11.32
C PRO C 41 -22.25 3.73 12.38
N GLN C 42 -21.33 4.51 12.94
CA GLN C 42 -21.65 5.41 14.05
C GLN C 42 -20.89 6.71 13.88
N LYS C 43 -21.52 7.81 14.26
CA LYS C 43 -20.91 9.12 14.05
C LYS C 43 -19.61 9.24 14.83
N TYR C 44 -18.67 10.02 14.28
CA TYR C 44 -17.34 10.10 14.86
C TYR C 44 -17.36 10.58 16.30
N ALA C 45 -18.31 11.45 16.65
CA ALA C 45 -18.31 12.06 17.97
C ALA C 45 -18.49 11.01 19.06
N THR C 46 -19.35 10.02 18.84
CA THR C 46 -19.69 9.04 19.85
C THR C 46 -19.14 7.65 19.58
N ALA C 47 -18.56 7.42 18.40
CA ALA C 47 -18.09 6.08 18.06
C ALA C 47 -16.97 5.64 19.00
N PRO C 48 -16.86 4.35 19.27
CA PRO C 48 -15.75 3.88 20.13
C PRO C 48 -14.41 4.15 19.47
N ARG C 49 -13.41 4.42 20.30
CA ARG C 49 -12.05 4.63 19.85
C ARG C 49 -11.27 3.32 20.00
N MET C 50 -10.60 2.92 18.92
CA MET C 50 -9.86 1.67 18.89
C MET C 50 -8.64 1.83 18.01
N PHE C 51 -7.51 1.31 18.47
CA PHE C 51 -6.31 1.31 17.63
C PHE C 51 -6.56 0.46 16.40
N HIS C 52 -5.96 0.85 15.28
CA HIS C 52 -6.19 0.15 14.03
C HIS C 52 -5.69 -1.29 14.11
N LEU C 53 -4.57 -1.52 14.80
CA LEU C 53 -4.12 -2.88 15.04
C LEU C 53 -5.17 -3.65 15.84
N GLU C 54 -5.72 -3.03 16.89
CA GLU C 54 -6.75 -3.69 17.68
C GLU C 54 -7.96 -4.02 16.82
N GLN C 55 -8.37 -3.08 15.96
CA GLN C 55 -9.50 -3.34 15.07
C GLN C 55 -9.21 -4.52 14.15
N VAL C 56 -7.99 -4.58 13.61
CA VAL C 56 -7.62 -5.67 12.71
C VAL C 56 -7.85 -7.01 13.40
N ALA C 57 -7.36 -7.13 14.64
CA ALA C 57 -7.54 -8.38 15.38
C ALA C 57 -9.01 -8.62 15.69
N ASP C 58 -9.71 -7.60 16.22
CA ASP C 58 -11.10 -7.79 16.62
C ASP C 58 -11.97 -8.20 15.45
N LEU C 59 -11.85 -7.48 14.33
CA LEU C 59 -12.70 -7.76 13.17
C LEU C 59 -12.35 -9.11 12.55
N THR C 60 -11.06 -9.46 12.48
CA THR C 60 -10.67 -10.74 11.91
C THR C 60 -11.22 -11.90 12.73
N LEU C 61 -11.06 -11.83 14.06
CA LEU C 61 -11.53 -12.92 14.92
C LEU C 61 -13.06 -13.02 14.88
N GLN C 62 -13.74 -11.89 14.78
CA GLN C 62 -15.20 -11.93 14.64
C GLN C 62 -15.60 -12.63 13.34
N ALA C 63 -14.94 -12.26 12.24
CA ALA C 63 -15.24 -12.90 10.96
C ALA C 63 -14.82 -14.36 10.95
N LEU C 64 -13.73 -14.70 11.64
CA LEU C 64 -13.34 -16.10 11.76
C LEU C 64 -14.37 -16.89 12.56
N GLU C 65 -14.86 -16.32 13.65
CA GLU C 65 -15.92 -16.99 14.41
C GLU C 65 -17.18 -17.14 13.57
N ASP C 66 -17.51 -16.12 12.77
CA ASP C 66 -18.68 -16.22 11.91
C ASP C 66 -18.53 -17.33 10.88
N ALA C 67 -17.31 -17.60 10.43
CA ALA C 67 -17.07 -18.68 9.48
C ALA C 67 -16.92 -20.04 10.17
N GLY C 68 -16.53 -20.05 11.44
CA GLY C 68 -16.24 -21.31 12.11
C GLY C 68 -14.81 -21.77 11.96
N MET C 69 -13.88 -20.85 11.72
CA MET C 69 -12.47 -21.18 11.56
C MET C 69 -11.68 -20.49 12.66
N GLU C 70 -10.46 -20.97 12.88
CA GLU C 70 -9.60 -20.46 13.95
C GLU C 70 -8.41 -19.71 13.36
N LEU C 71 -7.63 -19.11 14.25
CA LEU C 71 -6.65 -18.10 13.85
C LEU C 71 -5.54 -18.68 12.99
N SER C 72 -5.02 -19.85 13.36
CA SER C 72 -3.84 -20.38 12.67
C SER C 72 -4.14 -20.79 11.23
N GLU C 73 -5.41 -20.85 10.82
CA GLU C 73 -5.72 -21.16 9.43
C GLU C 73 -5.45 -19.98 8.51
N VAL C 74 -5.39 -18.77 9.05
CA VAL C 74 -5.15 -17.59 8.23
C VAL C 74 -3.69 -17.58 7.78
N ASP C 75 -3.49 -17.65 6.46
CA ASP C 75 -2.15 -17.52 5.87
C ASP C 75 -2.10 -16.40 4.83
N GLY C 76 -3.09 -15.51 4.85
CA GLY C 76 -3.09 -14.34 3.98
C GLY C 76 -3.84 -13.18 4.58
N LEU C 77 -3.34 -11.96 4.40
CA LEU C 77 -3.97 -10.77 4.96
C LEU C 77 -3.93 -9.63 3.96
N ILE C 78 -5.05 -8.92 3.84
CA ILE C 78 -5.15 -7.74 3.00
C ILE C 78 -5.77 -6.62 3.82
N THR C 79 -5.19 -5.43 3.75
CA THR C 79 -5.77 -4.26 4.41
C THR C 79 -5.44 -3.03 3.58
N SER C 80 -5.74 -1.85 4.12
CA SER C 80 -5.51 -0.59 3.43
C SER C 80 -4.12 -0.07 3.75
N ALA C 81 -3.45 0.49 2.74
CA ALA C 81 -2.09 0.96 2.88
C ALA C 81 -2.02 2.31 3.57
N PRO C 82 -2.75 3.33 3.12
CA PRO C 82 -2.57 4.67 3.68
C PRO C 82 -3.32 4.88 4.99
N HIS C 83 -2.79 5.79 5.80
CA HIS C 83 -3.45 6.28 7.01
C HIS C 83 -3.74 5.17 8.02
N PHE C 84 -2.91 4.13 8.04
CA PHE C 84 -2.94 3.17 9.14
C PHE C 84 -2.35 3.84 10.37
N HIS C 85 -3.15 3.92 11.45
CA HIS C 85 -2.84 4.88 12.51
C HIS C 85 -1.49 4.62 13.16
N GLU C 86 -1.11 3.35 13.32
CA GLU C 86 0.09 3.00 14.06
C GLU C 86 1.32 2.79 13.18
N ALA C 87 1.17 2.85 11.86
CA ALA C 87 2.28 2.56 10.97
C ALA C 87 2.13 3.33 9.66
N SER C 88 3.12 4.16 9.36
CA SER C 88 3.19 4.81 8.06
C SER C 88 3.82 3.90 7.00
N CYS C 89 4.42 2.79 7.40
CA CYS C 89 5.00 1.83 6.47
C CYS C 89 5.09 0.48 7.19
N PHE C 90 5.39 -0.55 6.41
CA PHE C 90 5.46 -1.92 6.93
C PHE C 90 4.13 -2.33 7.58
N VAL C 91 3.03 -1.87 7.00
CA VAL C 91 1.71 -2.16 7.58
C VAL C 91 1.44 -3.66 7.64
N PRO C 92 1.64 -4.43 6.57
CA PRO C 92 1.37 -5.88 6.68
C PRO C 92 2.17 -6.55 7.77
N ALA C 93 3.46 -6.23 7.89
CA ALA C 93 4.30 -6.89 8.88
C ALA C 93 3.82 -6.57 10.29
N MET C 94 3.53 -5.30 10.57
CA MET C 94 3.13 -4.93 11.92
C MET C 94 1.75 -5.49 12.25
N ALA C 95 0.81 -5.44 11.29
CA ALA C 95 -0.53 -5.97 11.55
C ALA C 95 -0.49 -7.48 11.73
N GLY C 96 0.24 -8.19 10.85
CA GLY C 96 0.33 -9.63 10.98
C GLY C 96 1.02 -10.06 12.26
N GLU C 97 2.03 -9.29 12.70
CA GLU C 97 2.69 -9.59 13.96
C GLU C 97 1.73 -9.39 15.13
N TYR C 98 1.00 -8.29 15.14
CA TYR C 98 0.01 -8.05 16.18
C TYR C 98 -1.05 -9.13 16.19
N LEU C 99 -1.57 -9.48 15.01
CA LEU C 99 -2.59 -10.54 14.92
C LEU C 99 -2.03 -11.87 15.38
N GLY C 100 -0.77 -12.15 15.07
CA GLY C 100 -0.17 -13.41 15.43
C GLY C 100 -0.26 -14.48 14.36
N VAL C 101 -0.29 -14.09 13.09
CA VAL C 101 -0.45 -15.01 11.99
C VAL C 101 0.85 -15.11 11.21
N ARG C 102 0.98 -16.19 10.44
CA ARG C 102 2.10 -16.41 9.53
C ARG C 102 1.55 -16.35 8.11
N LEU C 103 1.93 -15.31 7.38
CA LEU C 103 1.31 -14.97 6.11
C LEU C 103 2.15 -15.45 4.94
N ASN C 104 1.49 -16.05 3.95
CA ASN C 104 2.07 -16.33 2.65
C ASN C 104 1.71 -15.25 1.62
N PHE C 105 0.94 -14.25 2.04
CA PHE C 105 0.48 -13.19 1.15
C PHE C 105 0.19 -11.98 2.02
N ALA C 106 1.05 -10.96 1.94
CA ALA C 106 0.96 -9.78 2.79
C ALA C 106 0.67 -8.58 1.89
N GLU C 107 -0.61 -8.19 1.82
CA GLU C 107 -1.11 -7.31 0.78
C GLU C 107 -1.72 -6.05 1.38
N VAL C 108 -1.50 -4.93 0.71
CA VAL C 108 -2.20 -3.68 0.99
C VAL C 108 -2.74 -3.13 -0.32
N VAL C 109 -3.86 -2.41 -0.23
CA VAL C 109 -4.45 -1.73 -1.37
C VAL C 109 -4.53 -0.25 -1.05
N ASP C 110 -4.66 0.56 -2.10
CA ASP C 110 -4.72 2.02 -1.99
C ASP C 110 -5.65 2.52 -3.10
N LEU C 111 -6.93 2.19 -2.97
CA LEU C 111 -7.91 2.47 -4.01
C LEU C 111 -9.18 3.12 -3.46
N GLY C 112 -9.09 3.77 -2.30
CA GLY C 112 -10.24 4.48 -1.76
C GLY C 112 -11.42 3.55 -1.53
N GLY C 113 -12.59 3.98 -1.97
CA GLY C 113 -13.80 3.21 -1.79
C GLY C 113 -13.84 1.92 -2.59
N ALA C 114 -13.02 1.81 -3.62
CA ALA C 114 -12.92 0.57 -4.38
C ALA C 114 -12.07 -0.48 -3.68
N SER C 115 -11.52 -0.16 -2.51
CA SER C 115 -10.60 -1.08 -1.85
C SER C 115 -11.26 -2.41 -1.53
N SER C 116 -12.51 -2.37 -1.03
CA SER C 116 -13.14 -3.58 -0.52
C SER C 116 -13.29 -4.63 -1.62
N VAL C 117 -13.81 -4.24 -2.79
CA VAL C 117 -13.92 -5.21 -3.88
C VAL C 117 -12.53 -5.59 -4.38
N ALA C 118 -11.57 -4.68 -4.29
CA ALA C 118 -10.22 -4.98 -4.76
C ALA C 118 -9.57 -6.07 -3.91
N MET C 119 -9.83 -6.07 -2.59
CA MET C 119 -9.24 -7.10 -1.74
C MET C 119 -9.88 -8.46 -1.97
N VAL C 120 -11.17 -8.50 -2.31
CA VAL C 120 -11.87 -9.78 -2.44
C VAL C 120 -11.27 -10.59 -3.58
N TRP C 121 -11.11 -9.99 -4.75
CA TRP C 121 -10.62 -10.77 -5.89
C TRP C 121 -9.12 -11.04 -5.76
N ARG C 122 -8.37 -10.16 -5.08
CA ARG C 122 -6.97 -10.46 -4.79
C ARG C 122 -6.87 -11.68 -3.88
N ALA C 123 -7.75 -11.78 -2.89
CA ALA C 123 -7.77 -12.96 -2.02
C ALA C 123 -8.08 -14.22 -2.82
N ALA C 124 -9.06 -14.13 -3.73
CA ALA C 124 -9.39 -15.28 -4.57
C ALA C 124 -8.22 -15.65 -5.48
N ALA C 125 -7.58 -14.65 -6.09
CA ALA C 125 -6.45 -14.92 -6.97
C ALA C 125 -5.34 -15.65 -6.22
N ALA C 126 -5.02 -15.17 -5.01
CA ALA C 126 -3.95 -15.81 -4.22
C ALA C 126 -4.34 -17.23 -3.83
N ILE C 127 -5.62 -17.48 -3.56
CA ILE C 127 -6.05 -18.83 -3.21
C ILE C 127 -6.09 -19.71 -4.45
N GLU C 128 -6.57 -19.18 -5.58
CA GLU C 128 -6.56 -19.96 -6.80
C GLU C 128 -5.15 -20.19 -7.30
N LEU C 129 -4.21 -19.31 -6.95
CA LEU C 129 -2.81 -19.51 -7.29
C LEU C 129 -2.13 -20.54 -6.41
N GLY C 130 -2.76 -20.94 -5.31
CA GLY C 130 -2.17 -21.90 -4.40
C GLY C 130 -1.29 -21.30 -3.34
N LEU C 131 -1.15 -19.97 -3.31
CA LEU C 131 -0.30 -19.34 -2.30
C LEU C 131 -0.91 -19.42 -0.92
N CYS C 132 -2.22 -19.23 -0.82
CA CYS C 132 -2.93 -19.22 0.45
C CYS C 132 -4.07 -20.22 0.43
N ASN C 133 -4.49 -20.61 1.64
CA ASN C 133 -5.72 -21.34 1.85
C ASN C 133 -6.84 -20.45 2.36
N THR C 134 -6.51 -19.49 3.23
CA THR C 134 -7.51 -18.63 3.85
C THR C 134 -6.94 -17.23 3.98
N VAL C 135 -7.64 -16.24 3.43
CA VAL C 135 -7.20 -14.86 3.41
C VAL C 135 -8.23 -14.00 4.13
N VAL C 136 -7.75 -13.07 4.95
CA VAL C 136 -8.61 -12.11 5.64
C VAL C 136 -8.43 -10.75 4.97
N CYS C 137 -9.54 -10.15 4.55
CA CYS C 137 -9.58 -8.78 4.08
C CYS C 137 -10.21 -7.93 5.18
N VAL C 138 -9.48 -6.91 5.65
CA VAL C 138 -9.91 -6.16 6.83
C VAL C 138 -9.60 -4.67 6.61
N LEU C 139 -10.56 -3.84 7.01
CA LEU C 139 -10.46 -2.38 6.88
C LEU C 139 -10.85 -1.73 8.20
N PRO C 140 -9.90 -1.25 8.99
CA PRO C 140 -10.26 -0.45 10.17
C PRO C 140 -10.75 0.92 9.77
N SER C 141 -11.76 1.42 10.50
CA SER C 141 -12.31 2.74 10.21
C SER C 141 -12.68 3.55 11.44
N ARG C 142 -12.61 3.00 12.64
CA ARG C 142 -12.72 3.82 13.84
C ARG C 142 -11.40 4.52 14.11
N MET C 143 -11.48 5.71 14.70
CA MET C 143 -10.26 6.44 15.03
C MET C 143 -9.65 5.90 16.31
N ALA C 144 -8.34 6.04 16.43
CA ALA C 144 -7.62 5.52 17.57
C ALA C 144 -7.72 6.48 18.76
N PRO C 145 -7.52 5.99 19.98
CA PRO C 145 -7.45 6.89 21.13
C PRO C 145 -6.34 7.91 20.95
N ILE C 146 -6.48 9.04 21.63
CA ILE C 146 -5.56 10.16 21.49
C ILE C 146 -4.62 10.18 22.69
N SER C 147 -3.34 10.42 22.43
CA SER C 147 -2.33 10.62 23.46
C SER C 147 -1.91 12.08 23.50
N GLU C 148 -1.52 12.53 24.69
CA GLU C 148 -1.00 13.89 24.83
C GLU C 148 0.29 14.10 24.03
N HIS C 149 1.01 13.02 23.71
CA HIS C 149 2.23 13.12 22.91
C HIS C 149 1.97 12.81 21.43
N ASP C 150 0.79 13.17 20.92
CA ASP C 150 0.51 12.98 19.50
C ASP C 150 1.11 14.12 18.69
N SER C 160 -9.98 16.97 6.82
CA SER C 160 -8.63 17.54 6.77
C SER C 160 -8.53 18.64 5.72
N ARG C 161 -9.50 19.56 5.76
CA ARG C 161 -9.51 20.73 4.89
C ARG C 161 -9.68 20.38 3.42
N PHE C 162 -8.78 19.56 2.87
CA PHE C 162 -8.71 19.32 1.44
C PHE C 162 -9.34 18.01 1.01
N GLY C 163 -9.92 17.24 1.94
CA GLY C 163 -10.69 16.07 1.58
C GLY C 163 -9.92 15.01 0.83
N GLY C 164 -8.63 14.86 1.11
CA GLY C 164 -7.80 13.86 0.48
C GLY C 164 -6.90 14.38 -0.63
N HIS C 165 -7.19 15.57 -1.16
CA HIS C 165 -6.31 16.17 -2.14
C HIS C 165 -4.92 16.36 -1.54
N SER C 166 -3.89 16.14 -2.35
CA SER C 166 -2.52 16.27 -1.90
C SER C 166 -2.05 17.72 -2.01
N THR C 167 -1.37 18.17 -0.97
CA THR C 167 -0.75 19.50 -0.96
C THR C 167 0.76 19.43 -1.19
N ARG C 168 1.29 18.25 -1.52
CA ARG C 168 2.72 18.05 -1.58
C ARG C 168 3.33 18.78 -2.79
N PHE C 169 4.55 19.26 -2.60
CA PHE C 169 5.30 19.87 -3.69
C PHE C 169 5.53 18.84 -4.79
N GLY C 170 5.01 19.12 -5.98
CA GLY C 170 5.11 18.22 -7.11
C GLY C 170 3.83 17.46 -7.42
N ALA C 171 2.89 17.40 -6.50
CA ALA C 171 1.59 16.80 -6.78
C ALA C 171 0.82 17.70 -7.74
N PRO C 172 0.45 17.21 -8.93
CA PRO C 172 -0.19 18.13 -9.89
C PRO C 172 -1.43 18.81 -9.35
N GLU C 173 -2.27 18.07 -8.61
CA GLU C 173 -3.51 18.65 -8.12
C GLU C 173 -3.28 19.74 -7.08
N ALA C 174 -2.11 19.76 -6.45
CA ALA C 174 -1.82 20.80 -5.46
C ALA C 174 -1.76 22.18 -6.11
N GLU C 175 -1.26 22.27 -7.34
CA GLU C 175 -1.16 23.56 -8.02
C GLU C 175 -2.24 23.78 -9.07
N MET C 176 -2.86 22.72 -9.59
CA MET C 176 -3.86 22.86 -10.64
C MET C 176 -5.29 22.81 -10.13
N ASP C 177 -5.53 22.22 -8.96
CA ASP C 177 -6.88 22.14 -8.40
C ASP C 177 -7.07 23.11 -7.23
N LEU C 178 -6.22 23.03 -6.21
CA LEU C 178 -6.48 23.72 -4.96
C LEU C 178 -6.62 25.24 -5.13
N PRO C 179 -5.74 25.94 -5.86
CA PRO C 179 -5.88 27.39 -5.96
C PRO C 179 -7.20 27.85 -6.56
N TYR C 180 -7.92 26.98 -7.25
CA TYR C 180 -9.19 27.35 -7.88
C TYR C 180 -10.40 26.83 -7.11
N GLY C 181 -10.18 26.22 -5.94
CA GLY C 181 -11.25 25.68 -5.15
C GLY C 181 -11.63 24.25 -5.46
N HIS C 182 -10.99 23.62 -6.43
CA HIS C 182 -11.25 22.22 -6.75
C HIS C 182 -10.57 21.33 -5.73
N MET C 183 -11.33 20.44 -5.10
CA MET C 183 -10.78 19.54 -4.10
C MET C 183 -11.86 18.56 -3.68
N ALA C 184 -11.45 17.55 -2.92
CA ALA C 184 -12.37 16.58 -2.28
C ALA C 184 -13.23 15.93 -3.37
N GLN C 185 -14.52 15.73 -3.13
CA GLN C 185 -15.32 14.89 -4.02
C GLN C 185 -16.62 15.53 -4.46
N ASN C 186 -17.21 16.40 -3.62
CA ASN C 186 -18.54 16.93 -3.91
C ASN C 186 -18.59 17.61 -5.27
N THR C 187 -17.75 18.64 -5.47
CA THR C 187 -17.86 19.43 -6.69
C THR C 187 -17.45 18.64 -7.92
N GLY C 188 -16.53 17.67 -7.77
CA GLY C 188 -16.18 16.83 -8.90
C GLY C 188 -17.35 15.98 -9.38
N TYR C 189 -18.04 15.33 -8.44
CA TYR C 189 -19.23 14.57 -8.80
C TYR C 189 -20.34 15.47 -9.32
N ALA C 190 -20.41 16.71 -8.83
CA ALA C 190 -21.43 17.63 -9.30
C ALA C 190 -21.19 18.02 -10.76
N MET C 191 -19.93 18.20 -11.15
CA MET C 191 -19.64 18.51 -12.54
C MET C 191 -19.91 17.32 -13.44
N ILE C 192 -19.75 16.09 -12.93
CA ILE C 192 -20.17 14.91 -13.68
C ILE C 192 -21.68 14.93 -13.87
N ALA C 193 -22.43 15.27 -12.82
CA ALA C 193 -23.87 15.31 -12.92
C ALA C 193 -24.33 16.40 -13.88
N GLN C 194 -23.67 17.56 -13.88
CA GLN C 194 -24.04 18.62 -14.81
C GLN C 194 -23.76 18.20 -16.24
N ARG C 195 -22.65 17.49 -16.47
CA ARG C 195 -22.34 17.00 -17.81
C ARG C 195 -23.39 16.01 -18.27
N TYR C 196 -23.83 15.11 -17.38
CA TYR C 196 -24.84 14.14 -17.76
C TYR C 196 -26.17 14.82 -18.10
N GLY C 197 -26.55 15.84 -17.33
CA GLY C 197 -27.81 16.52 -17.58
C GLY C 197 -27.83 17.21 -18.94
N ALA C 198 -26.73 17.88 -19.30
CA ALA C 198 -26.69 18.57 -20.58
C ALA C 198 -26.69 17.60 -21.75
N VAL C 199 -26.16 16.39 -21.55
CA VAL C 199 -26.03 15.41 -22.64
C VAL C 199 -27.28 14.55 -22.75
N HIS C 200 -27.80 14.05 -21.63
CA HIS C 200 -28.85 13.05 -21.65
C HIS C 200 -30.12 13.46 -20.92
N GLY C 201 -30.14 14.62 -20.26
CA GLY C 201 -31.28 15.01 -19.45
C GLY C 201 -31.09 14.65 -17.99
N TYR C 202 -31.88 15.31 -17.14
CA TYR C 202 -31.73 15.18 -15.70
C TYR C 202 -33.10 15.24 -15.04
N ASP C 203 -33.31 14.39 -14.05
CA ASP C 203 -34.54 14.39 -13.26
C ASP C 203 -34.14 14.29 -11.79
N ALA C 204 -34.26 15.40 -11.07
CA ALA C 204 -33.86 15.42 -9.67
C ALA C 204 -34.69 14.44 -8.84
N ALA C 205 -35.99 14.33 -9.14
CA ALA C 205 -36.85 13.43 -8.39
C ALA C 205 -36.51 11.97 -8.66
N ALA C 206 -36.06 11.65 -9.88
CA ALA C 206 -35.71 10.27 -10.18
C ALA C 206 -34.48 9.82 -9.39
N LEU C 207 -33.48 10.69 -9.28
CA LEU C 207 -32.31 10.36 -8.47
C LEU C 207 -32.69 10.19 -7.00
N ALA C 208 -33.64 11.00 -6.53
CA ALA C 208 -34.08 10.89 -5.14
C ALA C 208 -34.71 9.55 -4.86
N ARG C 209 -35.24 8.86 -5.88
CA ARG C 209 -35.78 7.53 -5.68
C ARG C 209 -34.75 6.59 -5.06
N ILE C 210 -33.47 6.78 -5.39
CA ILE C 210 -32.42 5.94 -4.82
C ILE C 210 -32.37 6.11 -3.30
N CYS C 211 -32.42 7.35 -2.83
CA CYS C 211 -32.36 7.60 -1.40
C CYS C 211 -33.57 6.98 -0.70
N VAL C 212 -34.76 7.15 -1.28
CA VAL C 212 -35.98 6.69 -0.62
C VAL C 212 -36.00 5.17 -0.49
N ASP C 213 -35.68 4.47 -1.59
CA ASP C 213 -35.75 3.01 -1.57
C ASP C 213 -34.66 2.43 -0.69
N GLN C 214 -33.44 2.98 -0.75
CA GLN C 214 -32.37 2.49 0.11
C GLN C 214 -32.67 2.78 1.57
N ARG C 215 -33.26 3.94 1.88
CA ARG C 215 -33.66 4.22 3.25
C ARG C 215 -34.74 3.23 3.70
N PHE C 216 -35.66 2.87 2.81
CA PHE C 216 -36.62 1.82 3.12
C PHE C 216 -35.90 0.53 3.49
N ASN C 217 -34.91 0.13 2.69
CA ASN C 217 -34.10 -1.04 3.02
C ASN C 217 -33.45 -0.87 4.38
N ALA C 218 -32.82 0.30 4.61
CA ALA C 218 -32.19 0.54 5.90
C ALA C 218 -33.21 0.50 7.05
N CYS C 219 -34.44 0.95 6.79
CA CYS C 219 -35.47 0.92 7.82
C CYS C 219 -35.87 -0.50 8.20
N HIS C 220 -35.42 -1.52 7.48
CA HIS C 220 -35.59 -2.90 7.87
C HIS C 220 -34.27 -3.56 8.26
N ASN C 221 -33.28 -2.76 8.62
CA ASN C 221 -31.96 -3.25 9.03
C ASN C 221 -31.61 -2.60 10.36
N PRO C 222 -31.81 -3.31 11.49
CA PRO C 222 -31.51 -2.71 12.80
C PRO C 222 -30.10 -2.17 12.94
N ASP C 223 -29.17 -2.68 12.14
CA ASP C 223 -27.79 -2.21 12.19
C ASP C 223 -27.56 -0.92 11.42
N ALA C 224 -28.50 -0.53 10.56
CA ALA C 224 -28.32 0.67 9.75
C ALA C 224 -28.31 1.92 10.62
N MET C 225 -27.50 2.90 10.20
CA MET C 225 -27.42 4.15 10.96
C MET C 225 -28.77 4.87 10.98
N PHE C 226 -29.50 4.82 9.87
CA PHE C 226 -30.77 5.52 9.74
C PHE C 226 -31.96 4.57 9.85
N TYR C 227 -31.81 3.51 10.65
CA TYR C 227 -32.92 2.63 10.97
C TYR C 227 -34.05 3.42 11.61
N GLY C 228 -35.28 3.16 11.15
CA GLY C 228 -36.44 3.84 11.69
C GLY C 228 -36.58 5.28 11.29
N GLN C 229 -35.93 5.70 10.21
CA GLN C 229 -35.90 7.10 9.79
C GLN C 229 -36.22 7.21 8.31
N PRO C 230 -37.48 6.96 7.93
CA PRO C 230 -37.85 7.03 6.52
C PRO C 230 -37.80 8.44 5.97
N ILE C 231 -37.55 8.55 4.66
CA ILE C 231 -37.53 9.83 3.98
C ILE C 231 -38.42 9.74 2.74
N THR C 232 -38.70 10.91 2.16
CA THR C 232 -39.50 11.05 0.96
C THR C 232 -38.64 11.65 -0.15
N VAL C 233 -39.24 11.77 -1.34
CA VAL C 233 -38.54 12.41 -2.45
C VAL C 233 -38.34 13.89 -2.14
N ASP C 234 -39.41 14.57 -1.72
CA ASP C 234 -39.30 16.00 -1.41
C ASP C 234 -38.33 16.25 -0.26
N ASP C 235 -38.16 15.28 0.63
CA ASP C 235 -37.13 15.41 1.66
C ASP C 235 -35.76 15.63 1.03
N VAL C 236 -35.46 14.89 -0.04
CA VAL C 236 -34.16 15.01 -0.69
C VAL C 236 -34.03 16.37 -1.37
N LEU C 237 -35.06 16.79 -2.11
CA LEU C 237 -35.01 18.06 -2.80
C LEU C 237 -34.96 19.23 -1.82
N ASN C 238 -35.63 19.10 -0.67
CA ASN C 238 -35.61 20.16 0.33
C ASN C 238 -34.29 20.22 1.10
N SER C 239 -33.51 19.14 1.08
CA SER C 239 -32.21 19.16 1.72
C SER C 239 -31.29 20.14 1.00
N ARG C 240 -30.29 20.62 1.73
CA ARG C 240 -29.50 21.75 1.25
C ARG C 240 -28.72 21.39 -0.01
N MET C 241 -28.64 22.35 -0.94
CA MET C 241 -27.79 22.21 -2.11
C MET C 241 -26.33 22.35 -1.72
N VAL C 242 -25.52 21.34 -2.03
CA VAL C 242 -24.09 21.41 -1.76
C VAL C 242 -23.41 22.07 -2.95
N ALA C 243 -23.54 21.47 -4.13
CA ALA C 243 -23.03 22.04 -5.36
C ALA C 243 -23.94 21.58 -6.48
N ASP C 244 -24.48 22.53 -7.24
CA ASP C 244 -25.46 22.25 -8.29
C ASP C 244 -25.05 21.01 -9.08
N PRO C 245 -25.89 19.96 -9.14
CA PRO C 245 -27.25 19.82 -8.60
C PRO C 245 -27.37 18.86 -7.42
N LEU C 246 -26.27 18.66 -6.68
CA LEU C 246 -26.24 17.65 -5.63
C LEU C 246 -26.70 18.23 -4.30
N HIS C 247 -27.64 17.54 -3.65
CA HIS C 247 -28.15 17.89 -2.34
C HIS C 247 -27.46 17.04 -1.27
N VAL C 248 -27.55 17.49 -0.02
CA VAL C 248 -26.83 16.82 1.06
C VAL C 248 -27.31 15.38 1.21
N LEU C 249 -28.61 15.14 1.00
CA LEU C 249 -29.16 13.80 1.19
C LEU C 249 -28.78 12.84 0.06
N GLU C 250 -28.27 13.35 -1.06
CA GLU C 250 -27.72 12.51 -2.09
C GLU C 250 -26.26 12.13 -1.83
N ILE C 251 -25.71 12.55 -0.69
CA ILE C 251 -24.29 12.36 -0.38
C ILE C 251 -24.17 11.66 0.96
N VAL C 252 -23.22 10.74 1.07
CA VAL C 252 -23.04 10.00 2.31
C VAL C 252 -22.59 10.94 3.42
N LEU C 253 -22.83 10.50 4.66
CA LEU C 253 -22.39 11.21 5.85
C LEU C 253 -21.20 10.46 6.43
N PRO C 254 -19.99 11.02 6.40
CA PRO C 254 -18.84 10.33 7.01
C PRO C 254 -19.16 9.78 8.39
N ALA C 255 -18.64 8.58 8.66
CA ALA C 255 -18.89 7.92 9.93
C ALA C 255 -17.78 6.91 10.20
N ALA C 256 -17.69 6.48 11.45
CA ALA C 256 -16.70 5.50 11.87
C ALA C 256 -17.28 4.09 11.82
N GLY C 257 -16.41 3.12 11.57
CA GLY C 257 -16.80 1.72 11.57
C GLY C 257 -15.64 0.80 11.26
N GLY C 258 -15.88 -0.18 10.41
CA GLY C 258 -14.86 -1.16 10.05
C GLY C 258 -15.48 -2.49 9.71
N GLY C 259 -14.69 -3.35 9.09
CA GLY C 259 -15.19 -4.65 8.70
C GLY C 259 -14.08 -5.57 8.26
N ALA C 260 -14.41 -6.86 8.18
CA ALA C 260 -13.49 -7.87 7.69
C ALA C 260 -14.27 -9.02 7.09
N MET C 261 -13.64 -9.73 6.16
CA MET C 261 -14.25 -10.89 5.51
C MET C 261 -13.21 -11.97 5.37
N ILE C 262 -13.65 -13.23 5.49
CA ILE C 262 -12.80 -14.39 5.34
C ILE C 262 -13.08 -15.02 3.98
N VAL C 263 -12.02 -15.25 3.19
CA VAL C 263 -12.09 -15.97 1.94
C VAL C 263 -11.23 -17.23 2.08
N THR C 264 -11.74 -18.35 1.59
CA THR C 264 -11.02 -19.62 1.72
C THR C 264 -11.27 -20.48 0.50
N ARG C 265 -10.52 -21.58 0.41
CA ARG C 265 -10.65 -22.50 -0.70
C ARG C 265 -12.05 -23.10 -0.74
N ALA C 266 -12.48 -23.50 -1.95
CA ALA C 266 -13.82 -24.04 -2.12
C ALA C 266 -14.03 -25.30 -1.32
N ASP C 267 -13.00 -26.14 -1.16
CA ASP C 267 -13.17 -27.40 -0.43
C ASP C 267 -13.30 -27.14 1.07
N ARG C 268 -12.39 -26.33 1.64
CA ARG C 268 -12.51 -25.97 3.04
C ARG C 268 -13.83 -25.24 3.31
N ALA C 269 -14.32 -24.49 2.33
CA ALA C 269 -15.56 -23.74 2.51
C ALA C 269 -16.74 -24.65 2.80
N ARG C 270 -16.67 -25.92 2.36
CA ARG C 270 -17.81 -26.81 2.55
C ARG C 270 -18.04 -27.12 4.03
N THR C 271 -17.00 -27.08 4.85
CA THR C 271 -17.10 -27.36 6.27
C THR C 271 -17.14 -26.11 7.12
N THR C 272 -17.35 -24.94 6.52
CA THR C 272 -17.59 -23.73 7.28
C THR C 272 -19.06 -23.65 7.67
N ARG C 273 -19.44 -22.58 8.37
CA ARG C 273 -20.73 -22.54 9.03
C ARG C 273 -21.89 -22.27 8.07
N HIS C 274 -21.67 -21.43 7.07
CA HIS C 274 -22.75 -20.98 6.19
C HIS C 274 -22.49 -21.40 4.75
N ARG C 275 -23.41 -21.00 3.88
CA ARG C 275 -23.29 -21.27 2.46
C ARG C 275 -22.09 -20.54 1.89
N PRO C 276 -21.15 -21.23 1.23
CA PRO C 276 -20.04 -20.52 0.60
C PRO C 276 -20.55 -19.58 -0.49
N VAL C 277 -19.91 -18.43 -0.61
CA VAL C 277 -20.23 -17.43 -1.61
C VAL C 277 -19.05 -17.37 -2.58
N SER C 278 -19.17 -18.06 -3.70
CA SER C 278 -18.06 -18.18 -4.63
C SER C 278 -17.79 -16.86 -5.34
N ILE C 279 -16.51 -16.58 -5.58
CA ILE C 279 -16.07 -15.38 -6.29
C ILE C 279 -15.78 -15.83 -7.72
N VAL C 280 -16.74 -15.60 -8.63
CA VAL C 280 -16.67 -16.15 -9.98
C VAL C 280 -16.27 -15.13 -11.04
N GLY C 281 -16.26 -13.85 -10.72
CA GLY C 281 -15.87 -12.83 -11.68
C GLY C 281 -15.40 -11.58 -10.99
N CYS C 282 -14.42 -10.91 -11.61
CA CYS C 282 -13.88 -9.69 -11.03
C CYS C 282 -13.36 -8.79 -12.14
N GLY C 283 -13.22 -7.51 -11.81
CA GLY C 283 -12.68 -6.54 -12.74
C GLY C 283 -12.19 -5.32 -12.00
N GLU C 284 -11.20 -4.64 -12.59
CA GLU C 284 -10.57 -3.50 -11.96
C GLU C 284 -10.15 -2.51 -13.03
N HIS C 285 -10.36 -1.22 -12.77
CA HIS C 285 -9.97 -0.21 -13.75
C HIS C 285 -9.68 1.12 -13.07
N VAL C 286 -8.55 1.74 -13.45
CA VAL C 286 -8.16 3.06 -12.97
C VAL C 286 -7.51 3.78 -14.15
N SER C 287 -8.18 4.78 -14.69
CA SER C 287 -7.67 5.51 -15.85
C SER C 287 -7.53 7.01 -15.60
N SER C 288 -7.90 7.49 -14.42
CA SER C 288 -7.73 8.90 -14.09
C SER C 288 -7.85 9.08 -12.59
N LYS C 289 -7.31 10.20 -12.11
CA LYS C 289 -7.45 10.59 -10.71
C LYS C 289 -8.51 11.68 -10.58
N SER C 290 -8.27 12.83 -11.22
CA SER C 290 -9.31 13.84 -11.34
C SER C 290 -10.21 13.52 -12.53
N PRO C 291 -11.52 13.74 -12.42
CA PRO C 291 -12.39 13.53 -13.59
C PRO C 291 -12.08 14.47 -14.73
N THR C 292 -11.38 15.58 -14.45
CA THR C 292 -11.06 16.56 -15.47
C THR C 292 -10.28 15.95 -16.62
N TYR C 293 -9.49 14.91 -16.36
CA TYR C 293 -8.66 14.28 -17.38
C TYR C 293 -9.23 12.95 -17.85
N MET C 294 -10.49 12.67 -17.54
CA MET C 294 -11.17 11.53 -18.14
C MET C 294 -11.35 11.78 -19.64
N ALA C 295 -11.27 10.69 -20.42
CA ALA C 295 -11.61 10.79 -21.83
C ALA C 295 -13.05 11.29 -22.01
N ASP C 296 -13.93 10.88 -21.12
CA ASP C 296 -15.34 11.28 -21.15
C ASP C 296 -15.89 11.02 -19.75
N MET C 297 -16.23 12.09 -19.02
CA MET C 297 -16.71 11.90 -17.66
C MET C 297 -17.95 11.02 -17.59
N LEU C 298 -18.64 10.83 -18.71
CA LEU C 298 -19.84 10.01 -18.76
C LEU C 298 -19.55 8.56 -19.11
N GLN C 299 -18.31 8.22 -19.46
CA GLN C 299 -17.87 6.85 -19.65
C GLN C 299 -16.99 6.51 -18.45
N THR C 300 -17.61 5.95 -17.42
CA THR C 300 -16.96 5.70 -16.14
C THR C 300 -16.20 4.39 -16.15
N PRO C 301 -15.18 4.24 -15.30
CA PRO C 301 -14.37 3.02 -15.32
C PRO C 301 -15.12 1.76 -14.90
N ILE C 302 -16.32 1.87 -14.32
CA ILE C 302 -17.07 0.66 -13.97
C ILE C 302 -17.53 -0.07 -15.22
N GLY C 303 -17.51 0.60 -16.37
CA GLY C 303 -17.79 -0.05 -17.63
C GLY C 303 -16.81 -1.17 -17.91
N PRO C 304 -15.55 -0.83 -18.17
CA PRO C 304 -14.53 -1.88 -18.38
C PRO C 304 -14.45 -2.88 -17.25
N ALA C 305 -14.54 -2.43 -16.00
CA ALA C 305 -14.40 -3.35 -14.87
C ALA C 305 -15.56 -4.35 -14.84
N SER C 306 -16.78 -3.88 -15.08
CA SER C 306 -17.93 -4.78 -15.04
C SER C 306 -17.95 -5.72 -16.25
N ALA C 307 -17.52 -5.24 -17.41
CA ALA C 307 -17.49 -6.10 -18.59
C ALA C 307 -16.51 -7.25 -18.39
N LYS C 308 -15.37 -6.99 -17.75
CA LYS C 308 -14.41 -8.05 -17.47
C LYS C 308 -14.96 -9.03 -16.45
N ALA C 309 -15.67 -8.54 -15.44
CA ALA C 309 -16.18 -9.42 -14.40
C ALA C 309 -17.32 -10.30 -14.91
N PHE C 310 -18.25 -9.73 -15.66
CA PHE C 310 -19.33 -10.54 -16.23
C PHE C 310 -18.77 -11.56 -17.21
N GLU C 311 -17.82 -11.15 -18.05
CA GLU C 311 -17.17 -12.09 -18.96
C GLU C 311 -16.52 -13.23 -18.19
N MET C 312 -15.77 -12.89 -17.13
CA MET C 312 -15.04 -13.90 -16.38
C MET C 312 -16.00 -14.92 -15.76
N ALA C 313 -17.13 -14.45 -15.26
CA ALA C 313 -18.14 -15.34 -14.68
C ALA C 313 -19.02 -16.00 -15.73
N GLY C 314 -18.84 -15.68 -17.01
CA GLY C 314 -19.71 -16.22 -18.04
C GLY C 314 -21.16 -15.86 -17.80
N MET C 315 -21.44 -14.64 -17.34
CA MET C 315 -22.78 -14.22 -16.97
C MET C 315 -23.05 -12.84 -17.55
N ARG C 316 -24.30 -12.41 -17.42
CA ARG C 316 -24.79 -11.15 -17.93
C ARG C 316 -25.55 -10.41 -16.85
N PRO C 317 -25.69 -9.08 -16.97
CA PRO C 317 -26.41 -8.32 -15.94
C PRO C 317 -27.80 -8.86 -15.63
N SER C 318 -28.52 -9.38 -16.62
CA SER C 318 -29.88 -9.88 -16.38
C SER C 318 -29.90 -11.17 -15.57
N ASP C 319 -28.74 -11.82 -15.38
CA ASP C 319 -28.67 -13.01 -14.54
C ASP C 319 -28.63 -12.69 -13.05
N MET C 320 -28.30 -11.46 -12.69
CA MET C 320 -28.10 -11.11 -11.29
C MET C 320 -29.42 -11.06 -10.55
N HIS C 321 -29.40 -11.54 -9.30
CA HIS C 321 -30.55 -11.44 -8.41
C HIS C 321 -30.50 -10.21 -7.53
N MET C 322 -29.35 -9.54 -7.44
CA MET C 322 -29.22 -8.36 -6.60
C MET C 322 -28.03 -7.56 -7.09
N ALA C 323 -28.02 -6.28 -6.73
CA ALA C 323 -26.93 -5.37 -7.07
C ALA C 323 -26.60 -4.52 -5.86
N GLN C 324 -25.44 -4.76 -5.26
CA GLN C 324 -24.92 -3.95 -4.17
C GLN C 324 -23.92 -2.97 -4.78
N ILE C 325 -24.36 -1.73 -4.98
CA ILE C 325 -23.64 -0.76 -5.78
C ILE C 325 -23.10 0.33 -4.87
N TYR C 326 -21.79 0.58 -4.97
CA TYR C 326 -21.16 1.65 -4.20
C TYR C 326 -21.90 2.96 -4.40
N ASP C 327 -22.28 3.61 -3.30
CA ASP C 327 -23.26 4.69 -3.35
C ASP C 327 -22.84 5.86 -2.47
N CYS C 328 -21.64 6.39 -2.69
CA CYS C 328 -21.27 7.61 -1.99
CA CYS C 328 -21.24 7.62 -2.02
C CYS C 328 -22.04 8.81 -2.53
N TYR C 329 -22.45 8.76 -3.80
CA TYR C 329 -23.27 9.80 -4.41
C TYR C 329 -24.34 9.13 -5.25
N THR C 330 -25.51 9.77 -5.31
CA THR C 330 -26.60 9.20 -6.12
C THR C 330 -26.18 9.07 -7.57
N ILE C 331 -25.43 10.04 -8.08
CA ILE C 331 -25.03 10.02 -9.49
C ILE C 331 -24.12 8.82 -9.77
N THR C 332 -23.31 8.42 -8.78
CA THR C 332 -22.47 7.25 -8.96
C THR C 332 -23.29 5.99 -9.16
N VAL C 333 -24.40 5.86 -8.42
CA VAL C 333 -25.27 4.70 -8.56
C VAL C 333 -25.87 4.65 -9.96
N MET C 334 -26.45 5.76 -10.40
CA MET C 334 -27.11 5.79 -11.70
C MET C 334 -26.13 5.52 -12.83
N LEU C 335 -24.92 6.08 -12.74
CA LEU C 335 -23.91 5.82 -13.75
C LEU C 335 -23.42 4.39 -13.71
N THR C 336 -23.38 3.78 -12.52
CA THR C 336 -23.06 2.36 -12.43
C THR C 336 -24.16 1.51 -13.05
N LEU C 337 -25.42 1.94 -12.87
CA LEU C 337 -26.52 1.23 -13.52
C LEU C 337 -26.33 1.18 -15.02
N GLU C 338 -25.93 2.31 -15.63
CA GLU C 338 -25.76 2.35 -17.08
C GLU C 338 -24.51 1.60 -17.52
N ASP C 339 -23.36 1.96 -16.96
CA ASP C 339 -22.09 1.44 -17.45
C ASP C 339 -21.86 -0.02 -17.10
N ALA C 340 -22.52 -0.54 -16.07
CA ALA C 340 -22.44 -1.96 -15.78
C ALA C 340 -23.40 -2.79 -16.64
N GLY C 341 -24.21 -2.15 -17.48
CA GLY C 341 -25.06 -2.85 -18.41
C GLY C 341 -26.43 -3.23 -17.91
N PHE C 342 -26.86 -2.68 -16.76
CA PHE C 342 -28.21 -2.96 -16.28
C PHE C 342 -29.27 -2.16 -17.02
N CYS C 343 -28.90 -1.02 -17.61
CA CYS C 343 -29.81 -0.25 -18.43
C CYS C 343 -29.00 0.46 -19.50
N GLU C 344 -29.71 1.06 -20.46
CA GLU C 344 -29.05 1.72 -21.58
C GLU C 344 -28.35 2.99 -21.12
N LYS C 345 -27.21 3.28 -21.77
CA LYS C 345 -26.52 4.53 -21.55
C LYS C 345 -27.42 5.69 -21.97
N GLY C 346 -27.73 6.57 -21.02
CA GLY C 346 -28.60 7.70 -21.26
C GLY C 346 -30.01 7.55 -20.75
N LYS C 347 -30.42 6.34 -20.38
CA LYS C 347 -31.75 6.08 -19.85
C LYS C 347 -31.73 5.76 -18.35
N GLY C 348 -30.67 6.22 -17.65
CA GLY C 348 -30.58 5.92 -16.23
C GLY C 348 -31.72 6.52 -15.42
N MET C 349 -32.08 7.77 -15.71
CA MET C 349 -33.21 8.39 -15.03
C MET C 349 -34.50 7.62 -15.30
N ASP C 350 -34.67 7.15 -16.54
CA ASP C 350 -35.85 6.35 -16.86
C ASP C 350 -35.87 5.06 -16.06
N PHE C 351 -34.72 4.41 -15.93
CA PHE C 351 -34.63 3.20 -15.13
C PHE C 351 -34.96 3.47 -13.67
N LEU C 352 -34.53 4.63 -13.16
CA LEU C 352 -34.81 4.98 -11.77
C LEU C 352 -36.28 5.27 -11.54
N ARG C 353 -36.96 5.86 -12.54
CA ARG C 353 -38.37 6.19 -12.37
C ARG C 353 -39.25 4.93 -12.34
N ASN C 354 -38.89 3.92 -13.12
CA ASN C 354 -39.80 2.84 -13.45
C ASN C 354 -39.52 1.54 -12.71
N ASN C 355 -38.67 1.57 -11.69
CA ASN C 355 -38.27 0.34 -11.03
C ASN C 355 -38.29 0.50 -9.52
N ASP C 356 -38.49 -0.63 -8.83
CA ASP C 356 -38.52 -0.69 -7.37
C ASP C 356 -37.21 -1.30 -6.89
N PHE C 357 -36.42 -0.52 -6.16
CA PHE C 357 -35.09 -0.92 -5.75
C PHE C 357 -35.04 -1.44 -4.31
N THR C 358 -36.17 -1.52 -3.63
CA THR C 358 -36.20 -2.09 -2.30
C THR C 358 -36.06 -3.60 -2.37
N PHE C 359 -35.81 -4.22 -1.22
CA PHE C 359 -35.69 -5.68 -1.17
C PHE C 359 -37.01 -6.37 -1.54
N LYS C 360 -38.11 -5.63 -1.61
CA LYS C 360 -39.39 -6.14 -2.10
C LYS C 360 -39.59 -5.85 -3.59
N GLY C 361 -38.63 -5.21 -4.24
CA GLY C 361 -38.80 -4.73 -5.60
C GLY C 361 -38.27 -5.70 -6.65
N ASN C 362 -38.41 -5.29 -7.91
CA ASN C 362 -37.96 -6.11 -9.03
C ASN C 362 -36.47 -5.98 -9.29
N PHE C 363 -35.85 -4.88 -8.87
CA PHE C 363 -34.40 -4.69 -9.01
C PHE C 363 -33.83 -4.35 -7.63
N PRO C 364 -33.76 -5.33 -6.73
CA PRO C 364 -33.24 -5.05 -5.38
C PRO C 364 -31.83 -4.48 -5.44
N MET C 365 -31.64 -3.36 -4.74
CA MET C 365 -30.38 -2.63 -4.78
C MET C 365 -30.01 -2.14 -3.39
N ASN C 366 -28.76 -2.32 -3.02
CA ASN C 366 -28.24 -1.94 -1.70
C ASN C 366 -29.27 -2.25 -0.62
N THR C 367 -29.64 -3.53 -0.57
CA THR C 367 -30.67 -4.03 0.31
C THR C 367 -30.30 -3.96 1.78
N HIS C 368 -29.11 -3.47 2.12
CA HIS C 368 -28.76 -3.17 3.50
C HIS C 368 -28.99 -1.70 3.84
N GLY C 369 -29.27 -0.86 2.84
CA GLY C 369 -29.36 0.57 3.01
C GLY C 369 -28.29 1.33 2.26
N GLY C 370 -27.27 0.65 1.76
CA GLY C 370 -26.17 1.32 1.10
C GLY C 370 -25.44 2.24 2.06
N GLN C 371 -24.32 2.80 1.63
CA GLN C 371 -23.59 3.72 2.49
C GLN C 371 -24.43 4.94 2.84
N LEU C 372 -25.35 5.33 1.94
CA LEU C 372 -26.19 6.50 2.19
C LEU C 372 -27.01 6.32 3.47
N SER C 373 -27.64 5.15 3.63
CA SER C 373 -28.59 4.94 4.72
C SER C 373 -28.13 3.91 5.75
N PHE C 374 -27.30 2.94 5.36
CA PHE C 374 -26.67 2.08 6.35
C PHE C 374 -25.53 2.80 7.06
N GLY C 375 -24.90 3.77 6.40
CA GLY C 375 -23.82 4.56 6.96
C GLY C 375 -22.51 4.23 6.26
N GLN C 376 -21.69 5.27 6.05
CA GLN C 376 -20.37 5.13 5.42
C GLN C 376 -19.31 5.08 6.51
N SER C 377 -18.67 3.93 6.66
CA SER C 377 -17.59 3.76 7.63
C SER C 377 -16.24 3.97 6.93
N GLY C 378 -16.03 5.21 6.49
CA GLY C 378 -14.78 5.56 5.84
C GLY C 378 -14.49 4.66 4.66
N THR C 379 -13.24 4.21 4.56
CA THR C 379 -12.86 3.31 3.47
C THR C 379 -13.52 1.95 3.60
N ALA C 380 -14.05 1.62 4.78
CA ALA C 380 -14.77 0.36 4.98
C ALA C 380 -16.23 0.45 4.51
N GLY C 381 -16.69 1.62 4.09
CA GLY C 381 -18.05 1.72 3.60
C GLY C 381 -18.32 0.82 2.42
N GLY C 382 -17.34 0.67 1.53
CA GLY C 382 -17.50 -0.22 0.39
C GLY C 382 -17.69 -1.66 0.78
N MET C 383 -17.16 -2.06 1.94
CA MET C 383 -17.32 -3.44 2.39
C MET C 383 -18.75 -3.76 2.77
N SER C 384 -19.54 -2.75 3.14
CA SER C 384 -20.95 -2.99 3.44
C SER C 384 -21.67 -3.59 2.25
N GLN C 385 -21.30 -3.16 1.03
CA GLN C 385 -21.90 -3.73 -0.17
C GLN C 385 -21.56 -5.21 -0.30
N VAL C 386 -20.29 -5.56 -0.10
CA VAL C 386 -19.88 -6.95 -0.23
C VAL C 386 -20.53 -7.81 0.85
N ILE C 387 -20.53 -7.31 2.09
CA ILE C 387 -21.06 -8.10 3.20
C ILE C 387 -22.56 -8.34 3.02
N GLU C 388 -23.29 -7.33 2.54
CA GLU C 388 -24.73 -7.51 2.31
C GLU C 388 -24.96 -8.58 1.25
N ALA C 389 -24.16 -8.57 0.18
CA ALA C 389 -24.28 -9.62 -0.83
C ALA C 389 -24.05 -10.99 -0.21
N VAL C 390 -23.08 -11.11 0.69
CA VAL C 390 -22.84 -12.37 1.37
C VAL C 390 -24.02 -12.73 2.27
N HIS C 391 -24.53 -11.75 3.04
CA HIS C 391 -25.68 -12.00 3.89
C HIS C 391 -26.87 -12.50 3.07
N GLN C 392 -27.19 -11.81 1.98
CA GLN C 392 -28.34 -12.20 1.16
C GLN C 392 -28.14 -13.61 0.60
N ILE C 393 -26.97 -13.87 0.03
CA ILE C 393 -26.73 -15.18 -0.60
C ILE C 393 -26.77 -16.28 0.43
N GLN C 394 -26.27 -16.01 1.64
CA GLN C 394 -26.24 -17.02 2.69
C GLN C 394 -27.57 -17.18 3.40
N GLY C 395 -28.59 -16.40 3.03
CA GLY C 395 -29.88 -16.49 3.68
C GLY C 395 -29.90 -15.93 5.09
N ARG C 396 -29.09 -14.91 5.35
CA ARG C 396 -28.93 -14.36 6.69
C ARG C 396 -29.37 -12.90 6.78
N ALA C 397 -30.19 -12.44 5.83
CA ALA C 397 -30.55 -11.03 5.75
C ALA C 397 -31.79 -10.66 6.55
N GLY C 398 -32.37 -11.61 7.29
CA GLY C 398 -33.47 -11.27 8.17
C GLY C 398 -34.69 -10.81 7.39
N ASP C 399 -35.29 -9.70 7.85
CA ASP C 399 -36.50 -9.20 7.23
C ASP C 399 -36.28 -8.79 5.78
N ARG C 400 -35.04 -8.49 5.38
CA ARG C 400 -34.73 -8.04 4.03
C ARG C 400 -34.29 -9.19 3.12
N GLN C 401 -34.54 -10.43 3.52
CA GLN C 401 -34.05 -11.57 2.77
C GLN C 401 -34.75 -11.66 1.41
N LEU C 402 -33.96 -11.77 0.35
CA LEU C 402 -34.50 -11.90 -0.99
C LEU C 402 -34.89 -13.35 -1.28
N GLY C 403 -35.92 -13.51 -2.11
CA GLY C 403 -36.33 -14.84 -2.51
C GLY C 403 -35.29 -15.54 -3.36
N ARG C 404 -34.88 -14.88 -4.45
CA ARG C 404 -33.77 -15.35 -5.27
C ARG C 404 -32.48 -14.77 -4.70
N ASN C 405 -31.61 -15.65 -4.20
CA ASN C 405 -30.40 -15.22 -3.50
C ASN C 405 -29.21 -16.08 -3.92
N ASP C 406 -29.02 -16.23 -5.22
CA ASP C 406 -27.90 -17.00 -5.75
C ASP C 406 -26.81 -16.13 -6.36
N LEU C 407 -27.17 -15.05 -7.04
CA LEU C 407 -26.25 -14.29 -7.88
C LEU C 407 -26.28 -12.82 -7.47
N ALA C 408 -25.10 -12.21 -7.42
CA ALA C 408 -24.95 -10.84 -6.95
C ALA C 408 -23.89 -10.11 -7.75
N TYR C 409 -24.21 -8.88 -8.17
CA TYR C 409 -23.24 -7.93 -8.69
C TYR C 409 -22.89 -6.94 -7.59
N VAL C 410 -21.60 -6.67 -7.43
CA VAL C 410 -21.11 -5.74 -6.43
C VAL C 410 -20.08 -4.83 -7.08
N SER C 411 -20.19 -3.53 -6.84
CA SER C 411 -19.23 -2.56 -7.36
C SER C 411 -18.59 -1.79 -6.21
N GLY C 412 -17.41 -1.27 -6.48
CA GLY C 412 -16.72 -0.38 -5.56
C GLY C 412 -16.13 0.78 -6.33
N THR C 413 -16.19 1.97 -5.71
CA THR C 413 -15.77 3.19 -6.39
C THR C 413 -14.94 4.05 -5.45
N GLY C 414 -13.78 4.49 -5.94
CA GLY C 414 -12.92 5.37 -5.17
C GLY C 414 -12.76 6.74 -5.80
N GLY C 415 -12.39 7.74 -5.00
CA GLY C 415 -12.22 9.08 -5.54
C GLY C 415 -13.48 9.56 -6.22
N VAL C 416 -13.29 10.31 -7.31
CA VAL C 416 -14.42 10.77 -8.12
C VAL C 416 -14.39 10.03 -9.44
N MET C 417 -15.13 8.92 -9.51
CA MET C 417 -15.11 8.05 -10.69
C MET C 417 -13.67 7.69 -11.06
N SER C 418 -12.82 7.57 -10.05
CA SER C 418 -11.40 7.30 -10.28
C SER C 418 -11.12 5.80 -10.30
N GLU C 419 -11.05 5.19 -9.12
CA GLU C 419 -10.76 3.76 -9.01
C GLU C 419 -12.07 3.00 -8.97
N GLN C 420 -12.12 1.88 -9.69
CA GLN C 420 -13.35 1.11 -9.80
C GLN C 420 -13.07 -0.39 -9.86
N GLY C 421 -13.94 -1.16 -9.23
CA GLY C 421 -13.87 -2.60 -9.29
C GLY C 421 -15.26 -3.20 -9.26
N ALA C 422 -15.36 -4.43 -9.77
CA ALA C 422 -16.63 -5.14 -9.83
C ALA C 422 -16.40 -6.59 -9.45
N LEU C 423 -17.45 -7.21 -8.90
CA LEU C 423 -17.41 -8.61 -8.50
C LEU C 423 -18.72 -9.28 -8.89
N ILE C 424 -18.61 -10.51 -9.39
CA ILE C 424 -19.75 -11.40 -9.55
C ILE C 424 -19.60 -12.50 -8.51
N LEU C 425 -20.60 -12.67 -7.66
CA LEU C 425 -20.58 -13.67 -6.61
C LEU C 425 -21.73 -14.64 -6.82
N ARG C 426 -21.46 -15.93 -6.61
CA ARG C 426 -22.47 -16.98 -6.76
C ARG C 426 -22.45 -17.88 -5.54
N GLY C 427 -23.63 -18.13 -4.98
CA GLY C 427 -23.72 -19.03 -3.85
C GLY C 427 -23.45 -20.47 -4.27
N ALA C 428 -22.95 -21.25 -3.32
CA ALA C 428 -22.61 -22.65 -3.58
C ALA C 428 -23.88 -23.48 -3.74
N TRP D 3 -4.58 37.80 -0.26
CA TRP D 3 -4.88 36.48 -0.80
C TRP D 3 -4.53 35.39 0.20
N ASN D 4 -5.54 34.86 0.89
CA ASN D 4 -5.36 33.81 1.88
C ASN D 4 -5.68 32.42 1.33
N LYS D 5 -5.99 32.31 0.05
CA LYS D 5 -6.34 31.02 -0.53
C LYS D 5 -5.10 30.24 -0.91
N PRO D 6 -5.24 28.93 -1.10
CA PRO D 6 -4.14 28.15 -1.68
C PRO D 6 -3.63 28.80 -2.96
N LEU D 7 -2.32 28.82 -3.11
CA LEU D 7 -1.67 29.29 -4.32
C LEU D 7 -0.88 28.15 -4.95
N PRO D 8 -0.64 28.20 -6.26
CA PRO D 8 0.25 27.20 -6.87
C PRO D 8 1.69 27.42 -6.45
N HIS D 9 2.39 26.32 -6.21
CA HIS D 9 3.82 26.32 -5.92
C HIS D 9 4.53 25.66 -7.09
N PRO D 10 4.88 26.40 -8.13
CA PRO D 10 5.36 25.77 -9.37
C PRO D 10 6.65 25.01 -9.15
N THR D 11 6.76 23.87 -9.82
CA THR D 11 8.01 23.14 -9.92
C THR D 11 8.77 23.59 -11.16
N GLU D 12 10.00 23.12 -11.30
CA GLU D 12 10.76 23.41 -12.52
C GLU D 12 10.15 22.74 -13.74
N ILE D 13 9.20 21.83 -13.55
CA ILE D 13 8.51 21.22 -14.68
C ILE D 13 7.35 22.09 -15.13
N SER D 14 6.56 22.58 -14.19
CA SER D 14 5.39 23.39 -14.49
C SER D 14 5.69 24.88 -14.55
N ALA D 15 6.90 25.29 -14.17
CA ALA D 15 7.25 26.71 -14.15
C ALA D 15 6.91 27.45 -15.43
N PRO D 16 7.21 26.93 -16.62
CA PRO D 16 6.91 27.68 -17.85
C PRO D 16 5.43 27.99 -18.02
N TYR D 17 4.55 27.16 -17.46
CA TYR D 17 3.12 27.42 -17.58
C TYR D 17 2.70 28.60 -16.70
N TRP D 18 3.12 28.59 -15.44
CA TRP D 18 2.77 29.69 -14.54
C TRP D 18 3.48 30.98 -14.93
N GLU D 19 4.64 30.87 -15.60
CA GLU D 19 5.33 32.06 -16.08
C GLU D 19 4.61 32.65 -17.29
N GLY D 20 4.03 31.80 -18.15
CA GLY D 20 3.28 32.31 -19.28
C GLY D 20 2.05 33.08 -18.85
N LEU D 21 1.34 32.58 -17.83
CA LEU D 21 0.20 33.32 -17.31
C LEU D 21 0.60 34.70 -16.82
N LYS D 22 1.79 34.81 -16.21
CA LYS D 22 2.28 36.11 -15.80
C LYS D 22 2.46 37.04 -16.99
N ALA D 23 2.81 36.51 -18.15
CA ALA D 23 2.90 37.27 -19.39
C ALA D 23 1.58 37.28 -20.16
N HIS D 24 0.46 36.94 -19.50
CA HIS D 24 -0.85 36.92 -20.14
C HIS D 24 -0.84 36.02 -21.38
N GLU D 25 -0.32 34.82 -21.20
CA GLU D 25 -0.30 33.82 -22.27
C GLU D 25 -0.58 32.45 -21.68
N VAL D 26 -1.33 31.64 -22.44
CA VAL D 26 -1.58 30.25 -22.09
C VAL D 26 -0.60 29.41 -22.89
N ARG D 27 0.36 28.80 -22.20
CA ARG D 27 1.43 28.02 -22.83
C ARG D 27 1.32 26.59 -22.36
N ILE D 28 1.25 25.65 -23.30
CA ILE D 28 1.18 24.24 -23.01
C ILE D 28 2.22 23.52 -23.86
N GLN D 29 2.52 22.29 -23.46
CA GLN D 29 3.52 21.49 -24.16
C GLN D 29 2.89 20.68 -25.28
N GLN D 30 3.66 20.44 -26.33
CA GLN D 30 3.26 19.59 -27.43
C GLN D 30 4.42 18.66 -27.77
N CYS D 31 4.16 17.36 -27.76
CA CYS D 31 5.20 16.40 -28.07
C CYS D 31 5.51 16.43 -29.56
N ASP D 32 6.68 15.88 -29.92
CA ASP D 32 7.14 15.94 -31.31
C ASP D 32 6.31 15.07 -32.24
N ARG D 33 5.37 14.28 -31.71
CA ARG D 33 4.44 13.53 -32.54
C ARG D 33 3.09 14.24 -32.67
N GLY D 34 2.93 15.41 -32.06
CA GLY D 34 1.76 16.22 -32.24
C GLY D 34 0.73 16.17 -31.12
N HIS D 35 1.03 15.51 -30.00
CA HIS D 35 0.07 15.40 -28.91
C HIS D 35 0.27 16.56 -27.94
N SER D 36 -0.79 17.34 -27.71
CA SER D 36 -0.80 18.33 -26.65
C SER D 36 -1.06 17.65 -25.32
N LEU D 37 -0.51 18.25 -24.26
CA LEU D 37 -0.62 17.64 -22.94
C LEU D 37 -0.76 18.72 -21.86
N PHE D 38 -1.47 18.35 -20.79
CA PHE D 38 -1.65 19.18 -19.61
C PHE D 38 -2.35 18.32 -18.56
N PHE D 39 -1.90 18.31 -17.30
CA PHE D 39 -0.85 19.16 -16.75
C PHE D 39 0.56 18.89 -17.26
N PRO D 40 1.47 19.84 -17.02
CA PRO D 40 2.85 19.69 -17.53
C PRO D 40 3.55 18.47 -16.97
N ARG D 41 4.41 17.88 -17.80
CA ARG D 41 5.19 16.71 -17.44
C ARG D 41 6.56 16.82 -18.10
N THR D 42 7.41 15.83 -17.88
CA THR D 42 8.66 15.67 -18.61
C THR D 42 8.54 14.66 -19.73
N HIS D 43 7.35 14.11 -19.96
CA HIS D 43 7.11 13.12 -20.99
C HIS D 43 5.70 13.34 -21.54
N CYS D 44 5.45 12.76 -22.71
CA CYS D 44 4.11 12.83 -23.28
C CYS D 44 3.25 11.70 -22.69
N PRO D 45 2.14 12.01 -22.02
CA PRO D 45 1.31 10.94 -21.44
C PRO D 45 0.56 10.12 -22.48
N THR D 46 0.63 10.50 -23.76
CA THR D 46 -0.03 9.74 -24.80
C THR D 46 0.89 8.70 -25.43
N CYS D 47 2.07 9.14 -25.89
CA CYS D 47 2.99 8.26 -26.60
C CYS D 47 4.32 8.05 -25.88
N GLY D 48 4.58 8.77 -24.79
CA GLY D 48 5.80 8.59 -24.04
C GLY D 48 7.02 9.30 -24.58
N SER D 49 6.86 10.10 -25.64
CA SER D 49 8.00 10.84 -26.17
C SER D 49 8.50 11.85 -25.14
N ARG D 50 9.82 12.05 -25.13
CA ARG D 50 10.45 13.01 -24.23
C ARG D 50 10.74 14.33 -24.91
N SER D 51 10.36 14.50 -26.18
CA SER D 51 10.61 15.73 -26.93
C SER D 51 9.37 16.60 -26.81
N LEU D 52 9.39 17.51 -25.84
CA LEU D 52 8.27 18.41 -25.55
C LEU D 52 8.66 19.85 -25.87
N LYS D 53 7.73 20.59 -26.46
CA LYS D 53 7.94 21.99 -26.81
C LYS D 53 6.83 22.83 -26.22
N TRP D 54 7.20 23.86 -25.46
CA TRP D 54 6.23 24.83 -24.96
C TRP D 54 5.89 25.82 -26.06
N SER D 55 4.60 26.03 -26.29
CA SER D 55 4.15 27.01 -27.27
C SER D 55 2.86 27.65 -26.78
N LYS D 56 2.70 28.93 -27.10
CA LYS D 56 1.49 29.65 -26.73
C LYS D 56 0.31 29.13 -27.56
N VAL D 57 -0.86 29.05 -26.91
CA VAL D 57 -2.10 28.75 -27.58
C VAL D 57 -3.03 29.95 -27.42
N SER D 58 -4.07 30.00 -28.24
CA SER D 58 -4.99 31.13 -28.19
C SER D 58 -5.71 31.19 -26.85
N GLY D 59 -5.88 30.05 -26.18
CA GLY D 59 -6.51 30.02 -24.89
C GLY D 59 -8.00 29.88 -24.90
N GLU D 60 -8.63 29.86 -26.07
CA GLU D 60 -10.07 29.69 -26.15
C GLU D 60 -10.44 28.22 -26.26
N GLY D 61 -11.69 27.92 -25.92
CA GLY D 61 -12.18 26.57 -25.91
C GLY D 61 -13.64 26.52 -25.54
N THR D 62 -14.08 25.42 -24.93
CA THR D 62 -15.46 25.25 -24.54
C THR D 62 -15.55 24.83 -23.08
N LEU D 63 -16.68 25.16 -22.45
CA LEU D 63 -16.96 24.73 -21.09
C LEU D 63 -17.36 23.26 -21.09
N TYR D 64 -16.46 22.39 -20.64
CA TYR D 64 -16.76 20.97 -20.63
C TYR D 64 -17.80 20.64 -19.57
N SER D 65 -17.63 21.17 -18.37
CA SER D 65 -18.62 21.04 -17.32
C SER D 65 -18.39 22.12 -16.29
N PHE D 66 -19.30 22.19 -15.32
CA PHE D 66 -19.29 23.24 -14.31
C PHE D 66 -20.12 22.79 -13.13
N THR D 67 -20.00 23.55 -12.05
CA THR D 67 -20.92 23.44 -10.92
C THR D 67 -20.85 24.75 -10.16
N VAL D 68 -21.84 24.97 -9.29
CA VAL D 68 -21.92 26.17 -8.48
C VAL D 68 -21.93 25.74 -7.02
N ALA D 69 -20.84 26.02 -6.31
CA ALA D 69 -20.76 25.69 -4.90
C ALA D 69 -21.69 26.61 -4.11
N ARG D 70 -22.67 26.02 -3.44
CA ARG D 70 -23.55 26.76 -2.55
C ARG D 70 -23.04 26.76 -1.12
N ILE D 71 -22.16 25.82 -0.79
CA ILE D 71 -21.34 25.86 0.42
C ILE D 71 -19.89 26.00 -0.02
N PRO D 72 -19.14 26.99 0.47
CA PRO D 72 -17.77 27.17 -0.03
C PRO D 72 -16.93 25.93 0.18
N THR D 73 -16.13 25.60 -0.82
CA THR D 73 -15.25 24.44 -0.71
C THR D 73 -14.23 24.63 0.40
N MET D 74 -13.84 25.87 0.68
CA MET D 74 -13.04 26.22 1.84
C MET D 74 -13.52 27.57 2.37
N PRO D 75 -13.42 27.79 3.68
CA PRO D 75 -13.86 29.09 4.22
C PRO D 75 -13.18 30.29 3.57
N GLU D 76 -11.95 30.14 3.09
CA GLU D 76 -11.24 31.26 2.47
C GLU D 76 -11.72 31.56 1.05
N PHE D 77 -12.59 30.71 0.49
CA PHE D 77 -13.22 31.00 -0.79
C PHE D 77 -14.59 31.67 -0.62
N THR D 78 -14.87 32.22 0.56
CA THR D 78 -16.17 32.83 0.80
C THR D 78 -16.36 34.08 -0.06
N ASP D 79 -15.29 34.84 -0.31
CA ASP D 79 -15.39 36.05 -1.12
C ASP D 79 -15.52 35.75 -2.60
N GLU D 80 -15.37 34.50 -3.01
CA GLU D 80 -15.64 34.07 -4.38
C GLU D 80 -17.04 33.48 -4.53
N MET D 81 -17.83 33.45 -3.46
CA MET D 81 -19.09 32.73 -3.47
C MET D 81 -20.14 33.50 -4.27
N PRO D 82 -21.00 32.80 -5.03
CA PRO D 82 -20.94 31.33 -5.24
C PRO D 82 -19.81 30.93 -6.20
N GLN D 83 -19.05 29.91 -5.82
CA GLN D 83 -17.93 29.47 -6.63
C GLN D 83 -18.42 28.81 -7.91
N ALA D 84 -18.11 29.43 -9.06
CA ALA D 84 -18.45 28.86 -10.36
C ALA D 84 -17.26 28.01 -10.82
N LEU D 85 -17.18 26.80 -10.26
CA LEU D 85 -16.11 25.89 -10.64
C LEU D 85 -16.38 25.32 -12.03
N ALA D 86 -15.33 25.25 -12.85
CA ALA D 86 -15.49 24.94 -14.25
C ALA D 86 -14.34 24.06 -14.74
N VAL D 87 -14.63 23.26 -15.76
CA VAL D 87 -13.63 22.49 -16.49
C VAL D 87 -13.69 22.95 -17.94
N ILE D 88 -12.55 23.42 -18.45
CA ILE D 88 -12.44 23.95 -19.81
C ILE D 88 -11.64 22.97 -20.65
N GLU D 89 -12.11 22.71 -21.86
CA GLU D 89 -11.35 21.96 -22.86
C GLU D 89 -10.92 22.95 -23.94
N LEU D 90 -9.62 23.22 -24.01
CA LEU D 90 -9.10 24.10 -25.05
C LEU D 90 -9.31 23.46 -26.42
N ARG D 91 -9.15 24.28 -27.47
CA ARG D 91 -9.26 23.74 -28.82
C ARG D 91 -8.21 22.65 -29.06
N GLU D 92 -7.09 22.69 -28.33
CA GLU D 92 -6.05 21.69 -28.47
C GLU D 92 -6.44 20.34 -27.84
N GLY D 93 -7.51 20.30 -27.05
CA GLY D 93 -7.99 19.06 -26.48
C GLY D 93 -7.58 18.80 -25.06
N VAL D 94 -6.71 19.64 -24.48
CA VAL D 94 -6.35 19.49 -23.07
C VAL D 94 -7.41 20.17 -22.21
N ARG D 95 -7.49 19.73 -20.96
CA ARG D 95 -8.52 20.20 -20.03
C ARG D 95 -7.87 20.89 -18.84
N ILE D 96 -8.48 21.99 -18.41
CA ILE D 96 -7.92 22.85 -17.37
C ILE D 96 -8.99 23.12 -16.32
N ASN D 97 -8.67 22.88 -15.05
CA ASN D 97 -9.52 23.28 -13.95
C ASN D 97 -9.38 24.79 -13.71
N THR D 98 -10.51 25.44 -13.45
CA THR D 98 -10.54 26.89 -13.35
C THR D 98 -11.86 27.30 -12.72
N THR D 99 -12.16 28.60 -12.74
CA THR D 99 -13.47 29.12 -12.38
C THR D 99 -13.90 30.12 -13.43
N MET D 100 -15.21 30.33 -13.54
CA MET D 100 -15.77 31.29 -14.48
C MET D 100 -15.95 32.65 -13.81
N VAL D 101 -15.61 33.71 -14.54
CA VAL D 101 -15.79 35.07 -14.06
C VAL D 101 -16.65 35.82 -15.07
N GLY D 102 -17.46 36.74 -14.57
CA GLY D 102 -18.28 37.56 -15.44
C GLY D 102 -19.44 36.86 -16.11
N VAL D 103 -19.83 35.69 -15.60
CA VAL D 103 -20.99 34.96 -16.11
C VAL D 103 -21.91 34.65 -14.95
N ALA D 104 -23.19 34.99 -15.09
CA ALA D 104 -24.16 34.65 -14.06
C ALA D 104 -24.21 33.14 -13.89
N PRO D 105 -24.19 32.62 -12.67
CA PRO D 105 -24.26 31.16 -12.48
C PRO D 105 -25.39 30.50 -13.26
N GLU D 106 -26.50 31.21 -13.43
CA GLU D 106 -27.68 30.64 -14.08
C GLU D 106 -27.55 30.62 -15.60
N ALA D 107 -26.59 31.34 -16.16
CA ALA D 107 -26.33 31.33 -17.59
C ALA D 107 -25.20 30.38 -17.98
N LEU D 108 -24.48 29.82 -17.01
CA LEU D 108 -23.48 28.81 -17.31
C LEU D 108 -24.14 27.65 -18.06
N LYS D 109 -23.47 27.15 -19.08
CA LYS D 109 -24.05 26.14 -19.96
C LYS D 109 -22.94 25.27 -20.53
N VAL D 110 -23.09 23.95 -20.40
CA VAL D 110 -22.09 23.04 -20.93
C VAL D 110 -21.93 23.30 -22.42
N GLY D 111 -20.70 23.63 -22.83
CA GLY D 111 -20.37 23.81 -24.23
C GLY D 111 -20.19 25.24 -24.67
N MET D 112 -20.37 26.23 -23.79
CA MET D 112 -20.22 27.62 -24.20
C MET D 112 -18.79 27.91 -24.61
N GLU D 113 -18.64 28.82 -25.58
CA GLU D 113 -17.33 29.30 -25.97
C GLU D 113 -16.76 30.19 -24.86
N VAL D 114 -15.50 29.95 -24.50
CA VAL D 114 -14.85 30.67 -23.41
C VAL D 114 -13.53 31.25 -23.91
N ARG D 115 -13.06 32.28 -23.20
CA ARG D 115 -11.78 32.90 -23.46
C ARG D 115 -11.08 33.18 -22.15
N PRO D 116 -9.75 33.22 -22.15
CA PRO D 116 -9.01 33.28 -20.88
C PRO D 116 -9.07 34.65 -20.23
N VAL D 117 -8.99 34.63 -18.90
CA VAL D 117 -8.91 35.84 -18.08
C VAL D 117 -7.76 35.64 -17.10
N PHE D 118 -6.80 36.56 -17.12
CA PHE D 118 -5.59 36.44 -16.31
C PHE D 118 -5.78 37.23 -15.02
N ASP D 119 -5.74 36.52 -13.89
CA ASP D 119 -6.08 37.07 -12.58
C ASP D 119 -4.78 37.42 -11.84
N GLU D 120 -4.53 38.72 -11.68
CA GLU D 120 -3.33 39.20 -11.01
C GLU D 120 -3.56 39.56 -9.55
N ARG D 121 -4.77 39.33 -9.03
CA ARG D 121 -5.07 39.72 -7.65
C ARG D 121 -4.17 39.04 -6.63
N PRO D 122 -3.81 37.76 -6.75
CA PRO D 122 -2.93 37.16 -5.73
C PRO D 122 -1.62 37.90 -5.54
N GLY D 123 -1.22 38.74 -6.49
CA GLY D 123 -0.01 39.52 -6.36
C GLY D 123 1.09 39.04 -7.29
N GLU D 124 2.04 38.27 -6.76
CA GLU D 124 3.14 37.79 -7.58
C GLU D 124 2.67 36.68 -8.52
N VAL D 125 1.76 35.84 -8.06
CA VAL D 125 1.24 34.73 -8.87
C VAL D 125 0.06 35.23 -9.69
N THR D 126 0.02 34.81 -10.95
CA THR D 126 -1.11 35.08 -11.83
C THR D 126 -1.86 33.77 -12.05
N LEU D 127 -3.15 33.78 -11.75
CA LEU D 127 -4.01 32.62 -11.96
C LEU D 127 -4.75 32.74 -13.28
N LEU D 128 -5.31 31.62 -13.74
CA LEU D 128 -6.00 31.56 -15.03
C LEU D 128 -7.48 31.27 -14.79
N ARG D 129 -8.32 32.25 -15.07
CA ARG D 129 -9.76 32.09 -15.06
C ARG D 129 -10.30 32.27 -16.48
N PHE D 130 -11.59 31.98 -16.64
CA PHE D 130 -12.22 32.02 -17.95
C PHE D 130 -13.54 32.79 -17.86
N THR D 131 -14.01 33.25 -19.02
CA THR D 131 -15.27 33.96 -19.12
C THR D 131 -15.93 33.59 -20.44
N ALA D 132 -17.15 34.08 -20.62
CA ALA D 132 -17.85 33.86 -21.88
C ALA D 132 -17.10 34.56 -23.02
N HIS D 133 -16.90 33.84 -24.11
CA HIS D 133 -16.19 34.42 -25.25
C HIS D 133 -16.87 35.68 -25.75
N ALA D 134 -18.20 35.65 -25.86
CA ALA D 134 -18.95 36.81 -26.33
C ALA D 134 -19.22 37.83 -25.25
N GLY D 135 -18.91 37.52 -23.99
CA GLY D 135 -19.08 38.48 -22.92
C GLY D 135 -18.09 39.63 -23.02
N SER D 136 -18.29 40.63 -22.18
CA SER D 136 -17.46 41.83 -22.18
C SER D 136 -16.44 41.84 -21.04
N HIS D 137 -16.34 40.78 -20.27
CA HIS D 137 -15.42 40.77 -19.14
C HIS D 137 -13.99 40.96 -19.64
N PRO D 138 -13.19 41.83 -19.02
CA PRO D 138 -11.83 42.06 -19.52
C PRO D 138 -10.96 40.83 -19.41
N SER D 139 -9.86 40.84 -20.17
CA SER D 139 -8.94 39.71 -20.20
C SER D 139 -8.04 39.65 -18.97
N VAL D 140 -7.97 40.71 -18.18
CA VAL D 140 -7.10 40.76 -17.00
C VAL D 140 -7.91 41.28 -15.82
N ILE D 141 -7.62 40.76 -14.64
CA ILE D 141 -8.17 41.25 -13.39
C ILE D 141 -6.99 41.75 -12.55
N LYS D 142 -6.85 43.06 -12.45
CA LYS D 142 -5.72 43.63 -11.75
C LYS D 142 -5.91 43.52 -10.24
N ALA D 143 -4.78 43.56 -9.52
CA ALA D 143 -4.83 43.49 -8.07
C ALA D 143 -5.52 44.72 -7.49
N ASP D 144 -6.24 44.51 -6.39
CA ASP D 144 -6.97 45.59 -5.74
C ASP D 144 -6.01 46.55 -5.06
ZN ZN E . -4.70 -18.79 23.49
ZN ZN F . 3.04 12.23 -27.78
#